data_9JKB
#
_entry.id   9JKB
#
_cell.length_a   1.00
_cell.length_b   1.00
_cell.length_c   1.00
_cell.angle_alpha   90.00
_cell.angle_beta   90.00
_cell.angle_gamma   90.00
#
_symmetry.space_group_name_H-M   'P 1'
#
loop_
_entity.id
_entity.type
_entity.pdbx_description
1 polymer 'F-box only protein 4'
2 polymer Cullin-1
3 polymer 'S-phase kinase-associated protein 1'
4 polymer 'E3 ubiquitin-protein ligase RBX1, N-terminally processed'
#
loop_
_entity_poly.entity_id
_entity_poly.type
_entity_poly.pdbx_seq_one_letter_code
_entity_poly.pdbx_strand_id
1 'polypeptide(L)'
;HMEAASTLTRLPIDVQLYILSFLSPHDLCQLGSTNHYWNETVRDPILWRYFLLRDLPSWSSVDWKSLPDLEILKKPISEV
TDGAFFDYMAVYRMCCPYLIIQNEPRFAMFGPGLEELNTSLVLSLMSSEELCPTAGLPQRQIDGIGSGVNFQLNNQHKFN
ILILYSTTRKERDRAREEHTSAVNKMFSRHNEGDDQQGSRYSVIPQIQKVCEVVDGFIYVANAEAHKRHEWQDEFSHIMA
MTDPAFGSSGRPLLVLSCISQGDVKRMPCFYLAHELHLNLLNHPWLVQDTEAETLTGFLNGIEWILEEVESKRAR
;
C,D
2 'polypeptide(L)'
;SASWSHPQFEKGGGSGGGSKLSSTRSQNPHGLKQIGLDQIWDDLRAGIQQVYTRQSMAKSRYMELYTHVYNYCTSVHQSN
QARGAGVPPSKSKKGQTPGGAQFVGLELYKRLKEFLKNYLTNLLKDGEDLMDESVLKFYTQQWEDYRFSSKVLNGICAYL
NRHWVRRECDEGRKGIYEIYSLALVTWRDCLFRPLNKQVTNAVLKLIEKERNGETINTRLISGVVQSYVELGLNEDDAFA
KGPTLTVYKESFESQFLADTERFYTRESTEFLQQNPVTEYMKKAEARLLEEQRRVQVYLHESTQDELARKCEQVLIEKHL
EIFHTEFQNLLDADKNEDLGRMYNLVSRIQDGLGELKKLLETHIHNQGLAAIEKCGEAALNDPKMYVQTVLDVHKKYNAL
VMSAFNNDAGFVAALDKACGRFINNNAVTKMAQSSSKSPELLARYCDSLLKKSSKNPEEAELEDTLNQVMVVFKYIEDKD
VFQKFYAKMLAKRLVHQNSASDDAEASMISKLKQACGFEYTSKLQRMFQDIGVSKDLNEQFKKHLTNSEPLDLDFSIQVL
SSGSWPFQQSCTFALPSELERSYQRFTAFYASRHSGRKLTWLYQLSKGELVTNCFKNRYTLQASTFQMAILLQYNTEDAY
TVQQLTDSTQIKMDILAQVLQILLKSKLLVLEDENANVDEVELKPDTLIKLYLGYKNKKLRVNINVPMKTEQKQEQETTH
KNIEEDRKLLIQAAIVRIMKMRKVLKHQQLLGEVLTQLSSRFKPRVPVIKKCIDILIEKEYLERVDGEKDTYSYLA
;
A
3 'polypeptide(L)'
;GGSMPSIKLQSSDGEIFEVDVEIAKQSVTIKTMLEDLGMDDEGDDDPVPLPNVNAAILKKVIQWCTHHKDDPPPPEDDEN
KEKRTDDIPVWDQEFLKVDQGTLFELILAANYLDIKGLLDVTCKTVANMIKGKTPEEIRKTFNIKNDFTEEEEAQVRKEN
QWCEEK
;
B
4 'polypeptide(L)'
;SHMGAGKKRFEVKKWNAVALWAWDIVVDNCAICRNHIMDLCIECQANQASATSEECTVAWGVCNHAFHFHCISRWLKTRQ
VCPLDNREWEFQKYGH
;
R
#
# COMPACT_ATOMS: atom_id res chain seq x y z
N PRO A 105 -43.31 33.77 -34.17
CA PRO A 105 -42.51 34.99 -34.30
C PRO A 105 -41.07 34.80 -33.84
N ARG A 106 -40.60 35.66 -32.95
CA ARG A 106 -39.24 35.57 -32.44
C ARG A 106 -39.12 34.45 -31.42
N PHE A 107 -37.88 34.05 -31.14
CA PHE A 107 -37.61 32.94 -30.22
C PHE A 107 -36.28 33.22 -29.52
N ALA A 108 -36.36 33.71 -28.29
CA ALA A 108 -35.16 34.03 -27.52
C ALA A 108 -34.48 32.75 -27.07
N MET A 109 -33.29 32.48 -27.60
CA MET A 109 -32.52 31.29 -27.28
C MET A 109 -31.40 31.67 -26.33
N PHE A 110 -31.51 31.23 -25.08
CA PHE A 110 -30.51 31.52 -24.06
C PHE A 110 -30.08 30.25 -23.36
N GLY A 111 -29.31 30.40 -22.28
CA GLY A 111 -28.90 29.26 -21.49
C GLY A 111 -27.40 29.16 -21.32
N PRO A 112 -26.94 28.93 -20.09
CA PRO A 112 -25.50 28.79 -19.83
C PRO A 112 -24.90 27.48 -20.32
N GLY A 113 -25.69 26.60 -20.94
CA GLY A 113 -25.17 25.36 -21.45
C GLY A 113 -24.40 25.47 -22.75
N LEU A 114 -24.38 26.66 -23.37
CA LEU A 114 -23.59 26.85 -24.58
C LEU A 114 -22.10 26.72 -24.30
N GLU A 115 -21.63 27.27 -23.19
CA GLU A 115 -20.23 27.16 -22.80
C GLU A 115 -19.96 25.95 -21.91
N GLU A 116 -20.99 25.38 -21.29
CA GLU A 116 -20.80 24.18 -20.47
C GLU A 116 -20.42 22.99 -21.34
N LEU A 117 -21.02 22.87 -22.51
CA LEU A 117 -20.75 21.74 -23.40
C LEU A 117 -19.41 21.91 -24.09
N ASN A 118 -18.69 20.80 -24.24
CA ASN A 118 -17.42 20.84 -24.95
C ASN A 118 -17.62 21.12 -26.43
N THR A 119 -18.65 20.53 -27.03
CA THR A 119 -18.93 20.74 -28.45
C THR A 119 -19.59 22.09 -28.68
N SER A 120 -19.14 22.79 -29.72
CA SER A 120 -19.75 24.07 -30.09
C SER A 120 -21.11 23.81 -30.74
N LEU A 121 -22.18 24.19 -30.05
CA LEU A 121 -23.53 23.95 -30.56
C LEU A 121 -23.86 24.88 -31.72
N VAL A 122 -23.36 26.12 -31.68
CA VAL A 122 -23.66 27.08 -32.73
C VAL A 122 -22.94 26.75 -34.03
N LEU A 123 -21.90 25.92 -33.99
CA LEU A 123 -21.18 25.57 -35.21
C LEU A 123 -22.01 24.64 -36.09
N SER A 124 -22.63 23.61 -35.50
CA SER A 124 -23.48 22.72 -36.27
C SER A 124 -24.81 23.38 -36.60
N LEU A 125 -25.23 24.37 -35.82
CA LEU A 125 -26.46 25.09 -36.11
C LEU A 125 -26.36 25.86 -37.42
N MET A 126 -25.20 26.47 -37.67
CA MET A 126 -24.99 27.27 -38.87
C MET A 126 -24.38 26.49 -40.02
N SER A 127 -24.25 25.16 -39.89
CA SER A 127 -23.68 24.33 -40.93
C SER A 127 -24.63 23.22 -41.38
N SER A 128 -25.92 23.37 -41.12
CA SER A 128 -26.93 22.39 -41.53
C SER A 128 -27.67 22.93 -42.74
N GLU A 129 -27.67 22.15 -43.84
CA GLU A 129 -28.22 22.64 -45.09
C GLU A 129 -29.72 22.79 -45.04
N GLU A 130 -30.43 21.81 -44.46
CA GLU A 130 -31.89 21.88 -44.40
C GLU A 130 -32.38 22.91 -43.39
N LEU A 131 -31.52 23.31 -42.44
CA LEU A 131 -31.91 24.25 -41.40
C LEU A 131 -31.88 25.70 -41.88
N CYS A 132 -31.34 25.95 -43.07
CA CYS A 132 -31.23 27.27 -43.70
C CYS A 132 -30.52 28.26 -42.78
N PRO A 133 -29.21 28.14 -42.61
CA PRO A 133 -28.49 29.05 -41.71
C PRO A 133 -28.39 30.46 -42.28
N THR A 134 -27.96 31.38 -41.42
CA THR A 134 -27.73 32.76 -41.81
C THR A 134 -26.66 33.36 -40.91
N ALA A 135 -25.82 34.21 -41.50
CA ALA A 135 -24.79 34.88 -40.73
C ALA A 135 -25.41 35.93 -39.82
N GLY A 136 -24.68 36.26 -38.75
CA GLY A 136 -25.14 37.23 -37.78
C GLY A 136 -25.32 38.63 -38.35
N LEU A 137 -26.52 39.17 -38.22
CA LEU A 137 -26.85 40.49 -38.75
C LEU A 137 -26.55 41.56 -37.70
N PRO A 138 -25.75 42.58 -38.04
CA PRO A 138 -25.49 43.66 -37.07
C PRO A 138 -26.75 44.43 -36.68
N GLN A 139 -27.74 44.50 -37.56
CA GLN A 139 -28.99 45.18 -37.23
C GLN A 139 -29.73 44.44 -36.12
N ARG A 140 -29.75 43.12 -36.17
CA ARG A 140 -30.42 42.31 -35.15
C ARG A 140 -29.47 41.93 -34.01
N GLN A 141 -28.21 42.33 -34.08
CA GLN A 141 -27.25 42.02 -33.02
C GLN A 141 -27.46 42.96 -31.84
N ILE A 142 -27.58 42.39 -30.65
CA ILE A 142 -27.71 43.18 -29.43
C ILE A 142 -26.33 43.71 -29.05
N ASP A 143 -26.29 44.69 -28.14
CA ASP A 143 -25.02 45.28 -27.70
C ASP A 143 -24.29 44.30 -26.80
N GLY A 144 -23.16 43.79 -27.28
CA GLY A 144 -22.38 42.84 -26.49
C GLY A 144 -22.99 41.46 -26.38
N ILE A 145 -23.88 41.09 -27.29
CA ILE A 145 -24.54 39.80 -27.28
C ILE A 145 -24.55 39.25 -28.71
N GLY A 146 -25.15 38.06 -28.87
CA GLY A 146 -25.23 37.43 -30.16
C GLY A 146 -26.29 38.06 -31.05
N SER A 147 -26.24 37.67 -32.32
CA SER A 147 -27.16 38.19 -33.34
C SER A 147 -28.16 37.09 -33.69
N GLY A 148 -29.38 37.22 -33.19
CA GLY A 148 -30.43 36.28 -33.52
C GLY A 148 -30.89 36.47 -34.95
N VAL A 149 -30.71 35.45 -35.79
CA VAL A 149 -31.00 35.55 -37.21
C VAL A 149 -31.95 34.42 -37.61
N ASN A 150 -32.41 34.49 -38.86
CA ASN A 150 -33.36 33.51 -39.37
C ASN A 150 -32.69 32.15 -39.55
N PHE A 151 -33.38 31.10 -39.09
CA PHE A 151 -32.96 29.72 -39.29
C PHE A 151 -34.20 28.95 -39.72
N GLN A 152 -34.46 28.94 -41.03
CA GLN A 152 -35.69 28.37 -41.57
C GLN A 152 -35.57 26.84 -41.54
N LEU A 153 -36.20 26.23 -40.53
CA LEU A 153 -36.11 24.78 -40.37
C LEU A 153 -36.86 24.08 -41.49
N ASN A 154 -36.17 23.14 -42.15
CA ASN A 154 -36.70 22.32 -43.24
C ASN A 154 -37.19 23.15 -44.43
N ASN A 155 -36.79 24.42 -44.50
CA ASN A 155 -37.17 25.35 -45.57
C ASN A 155 -38.68 25.47 -45.72
N GLN A 156 -39.42 25.28 -44.63
CA GLN A 156 -40.88 25.34 -44.66
C GLN A 156 -41.49 26.14 -43.53
N HIS A 157 -40.80 26.34 -42.41
CA HIS A 157 -41.34 27.04 -41.25
C HIS A 157 -40.81 28.48 -41.25
N LYS A 158 -41.74 29.44 -41.24
CA LYS A 158 -41.39 30.85 -41.21
C LYS A 158 -41.31 31.31 -39.76
N PHE A 159 -40.08 31.46 -39.26
CA PHE A 159 -39.85 31.85 -37.88
C PHE A 159 -38.41 32.32 -37.72
N ASN A 160 -38.22 33.23 -36.77
CA ASN A 160 -36.90 33.77 -36.43
C ASN A 160 -36.60 33.45 -34.98
N ILE A 161 -35.33 33.17 -34.68
CA ILE A 161 -34.91 32.92 -33.31
C ILE A 161 -33.92 34.01 -32.91
N LEU A 162 -33.76 34.17 -31.60
CA LEU A 162 -32.86 35.16 -31.01
C LEU A 162 -31.84 34.42 -30.14
N ILE A 163 -30.63 34.23 -30.65
CA ILE A 163 -29.60 33.52 -29.90
C ILE A 163 -28.99 34.47 -28.87
N LEU A 164 -28.85 33.98 -27.64
CA LEU A 164 -28.19 34.71 -26.57
C LEU A 164 -27.09 33.83 -26.00
N TYR A 165 -25.92 34.42 -25.76
CA TYR A 165 -24.78 33.67 -25.24
C TYR A 165 -24.97 33.41 -23.74
N SER A 166 -24.01 32.70 -23.16
CA SER A 166 -24.06 32.33 -21.74
C SER A 166 -23.86 33.58 -20.89
N THR A 167 -24.94 34.06 -20.28
CA THR A 167 -24.91 35.22 -19.41
C THR A 167 -25.61 34.90 -18.10
N THR A 168 -25.01 35.32 -16.99
CA THR A 168 -25.56 35.07 -15.67
C THR A 168 -25.62 36.38 -14.89
N ARG A 169 -26.51 36.41 -13.90
CA ARG A 169 -26.68 37.59 -13.06
C ARG A 169 -25.58 37.68 -12.01
N SER A 202 -31.75 38.63 -10.65
CA SER A 202 -32.45 39.60 -11.48
C SER A 202 -31.89 39.61 -12.90
N VAL A 203 -32.77 39.74 -13.89
CA VAL A 203 -32.33 39.79 -15.27
C VAL A 203 -31.68 41.13 -15.56
N ILE A 204 -30.63 41.11 -16.38
CA ILE A 204 -29.94 42.32 -16.79
C ILE A 204 -30.84 43.10 -17.73
N PRO A 205 -30.70 44.43 -17.83
CA PRO A 205 -31.58 45.19 -18.73
C PRO A 205 -31.42 44.84 -20.20
N GLN A 206 -30.32 44.22 -20.59
CA GLN A 206 -30.10 43.87 -21.99
C GLN A 206 -30.96 42.70 -22.45
N ILE A 207 -31.52 41.92 -21.53
CA ILE A 207 -32.28 40.74 -21.90
C ILE A 207 -33.77 40.84 -21.56
N GLN A 208 -34.16 41.73 -20.63
CA GLN A 208 -35.57 41.81 -20.27
C GLN A 208 -36.39 42.51 -21.35
N LYS A 209 -35.81 43.53 -21.99
CA LYS A 209 -36.53 44.23 -23.05
C LYS A 209 -36.66 43.38 -24.30
N VAL A 210 -35.63 42.58 -24.61
CA VAL A 210 -35.68 41.70 -25.77
C VAL A 210 -36.72 40.60 -25.57
N CYS A 211 -36.84 40.10 -24.33
CA CYS A 211 -37.74 38.99 -24.04
C CYS A 211 -39.21 39.39 -24.06
N GLU A 212 -39.54 40.67 -24.21
CA GLU A 212 -40.92 41.13 -24.15
C GLU A 212 -41.78 40.55 -25.26
N VAL A 213 -41.52 40.94 -26.51
CA VAL A 213 -42.33 40.45 -27.65
C VAL A 213 -41.61 39.23 -28.21
N VAL A 214 -41.85 38.08 -27.55
CA VAL A 214 -41.34 36.79 -27.99
C VAL A 214 -42.47 35.78 -27.84
N ASP A 215 -42.55 34.83 -28.79
CA ASP A 215 -43.58 33.80 -28.71
C ASP A 215 -43.35 32.86 -27.54
N GLY A 216 -42.10 32.58 -27.19
CA GLY A 216 -41.78 31.68 -26.11
C GLY A 216 -40.43 32.00 -25.51
N PHE A 217 -39.76 30.96 -25.01
CA PHE A 217 -38.41 31.09 -24.46
C PHE A 217 -37.67 29.80 -24.74
N ILE A 218 -36.34 29.90 -24.89
CA ILE A 218 -35.48 28.74 -25.15
C ILE A 218 -34.32 28.79 -24.18
N TYR A 219 -34.08 27.67 -23.48
CA TYR A 219 -33.00 27.54 -22.52
C TYR A 219 -32.25 26.23 -22.79
N VAL A 220 -30.92 26.30 -22.73
CA VAL A 220 -30.07 25.15 -23.02
C VAL A 220 -29.47 24.65 -21.71
N ALA A 221 -29.50 23.33 -21.51
CA ALA A 221 -29.14 22.73 -20.23
C ALA A 221 -28.18 21.57 -20.43
N ASN A 222 -27.41 21.30 -19.37
CA ASN A 222 -26.53 20.16 -19.32
C ASN A 222 -27.32 18.86 -19.29
N ALA A 223 -26.77 17.82 -19.92
CA ALA A 223 -27.41 16.51 -19.91
C ALA A 223 -26.47 15.36 -19.56
N GLU A 224 -25.18 15.60 -19.35
CA GLU A 224 -24.30 14.53 -18.91
C GLU A 224 -24.59 14.17 -17.46
N ALA A 225 -24.49 12.87 -17.17
CA ALA A 225 -24.71 12.34 -15.82
C ALA A 225 -23.36 12.04 -15.20
N HIS A 226 -22.76 13.05 -14.58
CA HIS A 226 -21.44 12.92 -13.96
C HIS A 226 -21.49 13.08 -12.45
N LYS A 227 -22.03 14.19 -11.95
CA LYS A 227 -22.05 14.49 -10.52
C LYS A 227 -23.29 15.31 -10.23
N ARG A 228 -23.31 15.95 -9.06
CA ARG A 228 -24.42 16.80 -8.67
C ARG A 228 -24.48 18.05 -9.56
N HIS A 229 -25.70 18.53 -9.78
CA HIS A 229 -25.91 19.69 -10.63
C HIS A 229 -26.75 20.72 -9.87
N GLU A 230 -26.65 21.97 -10.32
CA GLU A 230 -27.38 23.08 -9.69
C GLU A 230 -28.83 23.05 -10.14
N TRP A 231 -29.74 22.82 -9.18
CA TRP A 231 -31.17 22.77 -9.47
C TRP A 231 -31.92 24.00 -8.96
N GLN A 232 -31.30 24.82 -8.13
CA GLN A 232 -31.96 26.00 -7.57
C GLN A 232 -31.62 27.28 -8.31
N ASP A 233 -30.35 27.49 -8.67
CA ASP A 233 -29.97 28.66 -9.44
C ASP A 233 -30.57 28.64 -10.83
N GLU A 234 -30.57 27.47 -11.47
CA GLU A 234 -31.19 27.34 -12.78
C GLU A 234 -32.70 27.56 -12.70
N PHE A 235 -33.34 27.07 -11.63
CA PHE A 235 -34.76 27.31 -11.44
C PHE A 235 -35.05 28.80 -11.22
N SER A 236 -34.20 29.48 -10.47
CA SER A 236 -34.37 30.92 -10.26
C SER A 236 -34.19 31.68 -11.56
N HIS A 237 -33.22 31.29 -12.38
CA HIS A 237 -33.04 31.91 -13.69
C HIS A 237 -34.24 31.64 -14.59
N ILE A 238 -34.79 30.44 -14.52
CA ILE A 238 -35.97 30.10 -15.30
C ILE A 238 -37.15 30.97 -14.90
N MET A 239 -37.35 31.14 -13.59
CA MET A 239 -38.41 32.02 -13.12
C MET A 239 -38.15 33.47 -13.49
N ALA A 240 -36.88 33.87 -13.57
CA ALA A 240 -36.55 35.25 -13.94
C ALA A 240 -36.86 35.52 -15.41
N MET A 241 -36.42 34.64 -16.31
CA MET A 241 -36.70 34.84 -17.72
C MET A 241 -38.12 34.45 -18.12
N THR A 242 -38.87 33.77 -17.26
CA THR A 242 -40.27 33.43 -17.53
C THR A 242 -41.20 34.21 -16.61
N ASP A 243 -40.87 35.47 -16.34
CA ASP A 243 -41.71 36.29 -15.48
C ASP A 243 -43.01 36.64 -16.20
N PRO A 244 -44.15 36.58 -15.51
CA PRO A 244 -45.42 36.99 -16.14
C PRO A 244 -45.50 38.47 -16.46
N ALA A 245 -44.62 39.29 -15.89
CA ALA A 245 -44.61 40.72 -16.18
C ALA A 245 -43.93 41.06 -17.50
N PHE A 246 -43.32 40.08 -18.16
CA PHE A 246 -42.63 40.31 -19.43
C PHE A 246 -43.51 40.06 -20.64
N GLY A 247 -44.79 39.78 -20.43
CA GLY A 247 -45.70 39.53 -21.53
C GLY A 247 -46.76 38.50 -21.11
N SER A 248 -47.20 37.72 -22.10
CA SER A 248 -48.18 36.67 -21.83
C SER A 248 -47.54 35.55 -21.03
N SER A 249 -48.31 35.00 -20.08
CA SER A 249 -47.82 33.90 -19.25
C SER A 249 -47.81 32.56 -19.98
N GLY A 250 -48.45 32.47 -21.14
CA GLY A 250 -48.52 31.24 -21.89
C GLY A 250 -47.34 30.96 -22.79
N ARG A 251 -46.32 31.80 -22.76
CA ARG A 251 -45.14 31.60 -23.60
C ARG A 251 -44.35 30.40 -23.11
N PRO A 252 -44.11 29.40 -23.94
CA PRO A 252 -43.42 28.18 -23.48
C PRO A 252 -41.93 28.41 -23.27
N LEU A 253 -41.32 27.47 -22.56
CA LEU A 253 -39.88 27.46 -22.33
C LEU A 253 -39.35 26.09 -22.75
N LEU A 254 -38.79 26.04 -23.96
CA LEU A 254 -38.18 24.82 -24.47
C LEU A 254 -36.80 24.66 -23.86
N VAL A 255 -36.59 23.57 -23.13
CA VAL A 255 -35.31 23.28 -22.50
C VAL A 255 -34.63 22.17 -23.29
N LEU A 256 -33.46 22.50 -23.84
CA LEU A 256 -32.69 21.56 -24.64
C LEU A 256 -31.56 21.03 -23.76
N SER A 257 -31.79 19.88 -23.14
CA SER A 257 -30.75 19.20 -22.38
C SER A 257 -29.88 18.42 -23.35
N CYS A 258 -28.63 18.84 -23.48
CA CYS A 258 -27.78 18.34 -24.56
C CYS A 258 -26.49 17.74 -24.03
N ILE A 259 -25.97 16.76 -24.77
CA ILE A 259 -24.65 16.20 -24.50
C ILE A 259 -23.74 16.52 -25.68
N SER A 260 -22.46 16.15 -25.56
CA SER A 260 -21.49 16.51 -26.60
C SER A 260 -21.70 15.68 -27.86
N GLN A 261 -21.52 14.37 -27.76
CA GLN A 261 -21.69 13.45 -28.88
C GLN A 261 -22.57 12.29 -28.44
N GLY A 262 -22.80 11.36 -29.36
CA GLY A 262 -23.62 10.20 -29.04
C GLY A 262 -22.92 9.21 -28.13
N ASP A 263 -21.59 9.20 -28.14
CA ASP A 263 -20.83 8.28 -27.29
C ASP A 263 -20.74 8.76 -25.85
N VAL A 264 -21.16 9.98 -25.56
CA VAL A 264 -21.09 10.53 -24.22
C VAL A 264 -22.33 10.09 -23.44
N LYS A 265 -22.11 9.70 -22.18
CA LYS A 265 -23.21 9.27 -21.33
C LYS A 265 -24.18 10.42 -21.06
N ARG A 266 -25.46 10.09 -21.00
CA ARG A 266 -26.52 11.09 -20.88
C ARG A 266 -27.39 10.79 -19.67
N MET A 267 -27.73 11.83 -18.91
CA MET A 267 -28.70 11.71 -17.85
C MET A 267 -30.09 11.49 -18.44
N PRO A 268 -30.90 10.60 -17.86
CA PRO A 268 -32.28 10.43 -18.35
C PRO A 268 -33.07 11.72 -18.19
N CYS A 269 -33.89 12.02 -19.21
CA CYS A 269 -34.65 13.26 -19.20
C CYS A 269 -35.74 13.26 -18.13
N PHE A 270 -36.28 12.08 -17.81
CA PHE A 270 -37.28 11.99 -16.75
C PHE A 270 -36.66 12.32 -15.39
N TYR A 271 -35.44 11.84 -15.14
CA TYR A 271 -34.79 12.13 -13.87
C TYR A 271 -34.40 13.59 -13.77
N LEU A 272 -33.93 14.18 -14.87
CA LEU A 272 -33.45 15.56 -14.84
C LEU A 272 -34.60 16.55 -14.67
N ALA A 273 -35.72 16.30 -15.36
CA ALA A 273 -36.84 17.25 -15.33
C ALA A 273 -37.44 17.35 -13.94
N HIS A 274 -37.62 16.21 -13.26
CA HIS A 274 -38.16 16.25 -11.90
C HIS A 274 -37.15 16.78 -10.90
N GLU A 275 -35.86 16.57 -11.16
CA GLU A 275 -34.83 17.19 -10.33
C GLU A 275 -34.85 18.70 -10.47
N LEU A 276 -35.12 19.18 -11.69
CA LEU A 276 -35.29 20.62 -11.93
C LEU A 276 -36.63 21.13 -11.43
N HIS A 277 -37.56 20.24 -11.06
CA HIS A 277 -38.86 20.59 -10.50
C HIS A 277 -39.66 21.49 -11.45
N LEU A 278 -39.96 20.94 -12.62
CA LEU A 278 -40.69 21.66 -13.65
C LEU A 278 -42.21 21.58 -13.45
N ASN A 279 -42.68 20.84 -12.46
CA ASN A 279 -44.11 20.78 -12.19
C ASN A 279 -44.63 22.12 -11.66
N LEU A 280 -43.82 22.81 -10.86
CA LEU A 280 -44.20 24.11 -10.31
C LEU A 280 -44.22 25.21 -11.38
N LEU A 281 -43.67 24.95 -12.56
CA LEU A 281 -43.54 25.99 -13.58
C LEU A 281 -44.90 26.51 -14.04
N ASN A 282 -45.86 25.60 -14.22
CA ASN A 282 -47.27 25.90 -14.50
C ASN A 282 -47.49 26.63 -15.82
N HIS A 283 -46.48 26.73 -16.67
CA HIS A 283 -46.65 27.17 -18.05
C HIS A 283 -45.88 26.18 -18.93
N PRO A 284 -46.26 26.05 -20.21
CA PRO A 284 -45.72 24.95 -21.03
C PRO A 284 -44.20 24.96 -21.15
N TRP A 285 -43.64 23.75 -21.24
CA TRP A 285 -42.21 23.53 -21.37
C TRP A 285 -41.98 22.19 -22.04
N LEU A 286 -40.76 21.99 -22.52
CA LEU A 286 -40.39 20.71 -23.14
C LEU A 286 -38.91 20.47 -22.92
N VAL A 287 -38.57 19.27 -22.43
CA VAL A 287 -37.20 18.85 -22.28
C VAL A 287 -36.96 17.72 -23.27
N GLN A 288 -36.12 17.96 -24.28
CA GLN A 288 -35.81 17.00 -25.31
C GLN A 288 -34.33 16.67 -25.28
N ASP A 289 -34.01 15.39 -25.24
CA ASP A 289 -32.61 14.95 -25.28
C ASP A 289 -32.12 15.02 -26.72
N THR A 290 -31.10 15.84 -26.96
CA THR A 290 -30.61 16.11 -28.30
C THR A 290 -29.10 15.99 -28.35
N GLU A 291 -28.58 15.80 -29.56
CA GLU A 291 -27.16 15.76 -29.82
C GLU A 291 -26.76 16.97 -30.65
N ALA A 292 -25.66 17.62 -30.25
CA ALA A 292 -25.25 18.85 -30.91
C ALA A 292 -24.75 18.61 -32.33
N GLU A 293 -24.04 17.50 -32.55
CA GLU A 293 -23.41 17.27 -33.84
C GLU A 293 -24.40 16.67 -34.85
N THR A 294 -25.18 15.67 -34.44
CA THR A 294 -26.07 14.98 -35.35
C THR A 294 -27.45 15.61 -35.46
N LEU A 295 -27.66 16.74 -34.78
CA LEU A 295 -28.92 17.49 -34.72
C LEU A 295 -30.16 16.59 -34.55
N THR A 296 -30.02 15.54 -33.74
CA THR A 296 -31.12 14.61 -33.48
C THR A 296 -31.84 15.06 -32.21
N GLY A 297 -32.83 15.92 -32.39
CA GLY A 297 -33.58 16.46 -31.26
C GLY A 297 -33.72 17.96 -31.32
N PHE A 298 -32.82 18.61 -32.06
CA PHE A 298 -32.93 20.04 -32.29
C PHE A 298 -34.21 20.39 -33.04
N LEU A 299 -34.51 19.63 -34.10
CA LEU A 299 -35.73 19.87 -34.87
C LEU A 299 -36.97 19.56 -34.05
N ASN A 300 -36.92 18.49 -33.24
CA ASN A 300 -38.07 18.09 -32.44
C ASN A 300 -38.43 19.15 -31.41
N GLY A 301 -37.43 19.71 -30.73
CA GLY A 301 -37.70 20.77 -29.77
C GLY A 301 -38.23 22.04 -30.41
N ILE A 302 -37.63 22.44 -31.53
CA ILE A 302 -38.06 23.66 -32.21
C ILE A 302 -39.46 23.48 -32.80
N GLU A 303 -39.77 22.27 -33.30
CA GLU A 303 -41.09 22.03 -33.89
C GLU A 303 -42.20 22.21 -32.87
N TRP A 304 -41.93 21.95 -31.59
CA TRP A 304 -42.97 22.05 -30.58
C TRP A 304 -43.33 23.51 -30.28
N ILE A 305 -42.33 24.38 -30.14
CA ILE A 305 -42.62 25.79 -29.88
C ILE A 305 -43.19 26.47 -31.12
N LEU A 306 -42.96 25.90 -32.31
CA LEU A 306 -43.62 26.41 -33.50
C LEU A 306 -45.11 26.14 -33.48
N GLU A 307 -45.53 25.03 -32.85
CA GLU A 307 -46.95 24.75 -32.69
C GLU A 307 -47.58 25.71 -31.68
N GLU A 308 -46.79 26.29 -30.78
CA GLU A 308 -47.26 27.24 -29.80
C GLU A 308 -47.29 28.67 -30.32
N VAL A 309 -47.04 28.86 -31.63
CA VAL A 309 -47.07 30.20 -32.22
C VAL A 309 -48.48 30.77 -32.15
N GLU A 310 -49.48 29.96 -32.51
CA GLU A 310 -50.87 30.42 -32.45
C GLU A 310 -51.33 30.63 -31.01
N SER A 311 -50.75 29.89 -30.06
CA SER A 311 -51.12 30.02 -28.66
C SER A 311 -50.07 30.84 -27.91
N GLN B 34 -57.22 -26.52 -5.83
CA GLN B 34 -57.95 -25.43 -5.21
C GLN B 34 -58.67 -25.90 -3.95
N ILE B 35 -57.94 -25.95 -2.83
CA ILE B 35 -58.48 -26.41 -1.56
C ILE B 35 -58.20 -25.34 -0.51
N GLY B 36 -59.22 -25.01 0.28
CA GLY B 36 -59.08 -23.99 1.30
C GLY B 36 -58.17 -24.41 2.43
N LEU B 37 -57.77 -23.43 3.24
CA LEU B 37 -56.79 -23.66 4.29
C LEU B 37 -57.31 -24.53 5.42
N ASP B 38 -58.62 -24.58 5.63
CA ASP B 38 -59.16 -25.38 6.73
C ASP B 38 -58.90 -26.87 6.52
N GLN B 39 -59.05 -27.35 5.28
CA GLN B 39 -58.79 -28.76 5.00
C GLN B 39 -57.29 -29.05 4.98
N ILE B 40 -56.49 -28.14 4.42
CA ILE B 40 -55.07 -28.38 4.27
C ILE B 40 -54.36 -28.35 5.62
N TRP B 41 -54.77 -27.43 6.50
CA TRP B 41 -53.93 -27.00 7.60
C TRP B 41 -53.69 -28.08 8.64
N ASP B 42 -54.68 -28.95 8.89
CA ASP B 42 -54.48 -30.00 9.89
C ASP B 42 -53.41 -30.99 9.43
N ASP B 43 -53.51 -31.46 8.19
CA ASP B 43 -52.49 -32.36 7.65
C ASP B 43 -51.14 -31.68 7.54
N LEU B 44 -51.14 -30.40 7.14
CA LEU B 44 -49.88 -29.67 7.02
C LEU B 44 -49.21 -29.50 8.39
N ARG B 45 -50.00 -29.20 9.42
CA ARG B 45 -49.46 -29.05 10.76
C ARG B 45 -48.94 -30.38 11.29
N ALA B 46 -49.65 -31.47 11.00
CA ALA B 46 -49.16 -32.79 11.40
C ALA B 46 -47.82 -33.09 10.72
N GLY B 47 -47.70 -32.78 9.43
CA GLY B 47 -46.45 -33.01 8.74
C GLY B 47 -45.32 -32.13 9.24
N ILE B 48 -45.61 -30.86 9.52
CA ILE B 48 -44.59 -29.95 10.01
C ILE B 48 -44.10 -30.37 11.40
N GLN B 49 -45.03 -30.76 12.27
CA GLN B 49 -44.65 -31.27 13.58
C GLN B 49 -43.87 -32.57 13.47
N GLN B 50 -44.20 -33.40 12.47
CA GLN B 50 -43.39 -34.59 12.20
C GLN B 50 -41.97 -34.20 11.76
N VAL B 51 -41.86 -33.11 11.01
CA VAL B 51 -40.55 -32.63 10.58
C VAL B 51 -39.73 -32.15 11.76
N TYR B 52 -40.33 -31.33 12.63
CA TYR B 52 -39.57 -30.69 13.69
C TYR B 52 -39.15 -31.70 14.75
N THR B 53 -40.06 -32.55 15.19
CA THR B 53 -39.68 -33.66 16.05
C THR B 53 -38.90 -34.67 15.22
N ARG B 54 -37.60 -34.76 15.47
CA ARG B 54 -36.69 -35.47 14.58
C ARG B 54 -36.96 -36.96 14.64
N GLN B 55 -37.70 -37.47 13.66
CA GLN B 55 -37.94 -38.90 13.51
C GLN B 55 -37.55 -39.40 12.13
N SER B 56 -36.78 -38.60 11.38
CA SER B 56 -36.33 -38.93 10.02
C SER B 56 -37.53 -39.19 9.10
N MET B 57 -38.30 -38.12 8.89
CA MET B 57 -39.53 -38.22 8.13
C MET B 57 -39.26 -38.65 6.68
N ALA B 58 -40.20 -39.42 6.14
CA ALA B 58 -40.02 -40.03 4.83
C ALA B 58 -40.13 -38.98 3.72
N LYS B 59 -39.63 -39.37 2.54
CA LYS B 59 -39.64 -38.48 1.38
C LYS B 59 -41.07 -38.23 0.89
N SER B 60 -41.92 -39.26 0.96
CA SER B 60 -43.28 -39.14 0.48
C SER B 60 -44.07 -38.10 1.27
N ARG B 61 -43.88 -38.07 2.58
CA ARG B 61 -44.56 -37.07 3.41
C ARG B 61 -44.10 -35.66 3.07
N TYR B 62 -42.80 -35.49 2.80
CA TYR B 62 -42.28 -34.18 2.45
C TYR B 62 -42.86 -33.70 1.12
N MET B 63 -42.91 -34.58 0.12
CA MET B 63 -43.51 -34.16 -1.15
C MET B 63 -45.01 -33.94 -1.02
N GLU B 64 -45.67 -34.68 -0.13
CA GLU B 64 -47.09 -34.45 0.11
C GLU B 64 -47.33 -33.10 0.76
N LEU B 65 -46.49 -32.71 1.71
CA LEU B 65 -46.60 -31.38 2.30
C LEU B 65 -46.35 -30.29 1.27
N TYR B 66 -45.36 -30.50 0.40
CA TYR B 66 -45.11 -29.55 -0.68
C TYR B 66 -46.33 -29.44 -1.59
N THR B 67 -46.95 -30.57 -1.90
CA THR B 67 -48.17 -30.57 -2.71
C THR B 67 -49.29 -29.82 -2.01
N HIS B 68 -49.40 -29.98 -0.70
CA HIS B 68 -50.43 -29.28 0.07
C HIS B 68 -50.23 -27.76 -0.01
N VAL B 69 -48.99 -27.31 0.20
CA VAL B 69 -48.71 -25.87 0.15
C VAL B 69 -48.93 -25.33 -1.26
N TYR B 70 -48.50 -26.07 -2.28
CA TYR B 70 -48.69 -25.63 -3.65
C TYR B 70 -50.17 -25.54 -4.01
N ASN B 71 -50.95 -26.55 -3.62
CA ASN B 71 -52.38 -26.55 -3.95
C ASN B 71 -53.13 -25.50 -3.16
N TYR B 72 -52.63 -25.12 -1.98
CA TYR B 72 -53.25 -24.00 -1.28
C TYR B 72 -52.91 -22.68 -1.97
N CYS B 73 -51.65 -22.49 -2.35
CA CYS B 73 -51.23 -21.21 -2.93
C CYS B 73 -51.75 -21.01 -4.34
N THR B 74 -52.08 -22.08 -5.05
CA THR B 74 -52.59 -21.99 -6.42
C THR B 74 -54.10 -22.20 -6.48
N SER B 75 -54.83 -21.73 -5.46
CA SER B 75 -56.28 -21.88 -5.43
C SER B 75 -56.95 -20.91 -6.39
N ALA B 101 -57.76 -13.13 -2.25
CA ALA B 101 -57.34 -11.91 -2.93
C ALA B 101 -56.49 -12.23 -4.16
N GLN B 102 -55.67 -11.26 -4.58
CA GLN B 102 -54.77 -11.49 -5.71
C GLN B 102 -53.70 -12.52 -5.35
N PHE B 103 -53.11 -12.39 -4.17
CA PHE B 103 -52.13 -13.32 -3.67
C PHE B 103 -52.57 -13.82 -2.31
N VAL B 104 -52.66 -15.13 -2.14
CA VAL B 104 -53.14 -15.74 -0.89
C VAL B 104 -51.99 -16.53 -0.27
N GLY B 105 -51.26 -15.87 0.63
CA GLY B 105 -50.27 -16.55 1.44
C GLY B 105 -50.26 -16.04 2.86
N LEU B 106 -51.04 -14.99 3.13
CA LEU B 106 -51.04 -14.39 4.46
C LEU B 106 -51.66 -15.32 5.49
N GLU B 107 -52.74 -16.00 5.11
CA GLU B 107 -53.38 -16.93 6.03
C GLU B 107 -52.47 -18.11 6.33
N LEU B 108 -51.70 -18.56 5.34
CA LEU B 108 -50.73 -19.62 5.59
C LEU B 108 -49.54 -19.12 6.39
N TYR B 109 -49.08 -17.91 6.09
CA TYR B 109 -47.91 -17.38 6.80
C TYR B 109 -48.21 -17.15 8.27
N LYS B 110 -49.43 -16.70 8.58
CA LYS B 110 -49.80 -16.43 9.97
C LYS B 110 -49.76 -17.70 10.80
N ARG B 111 -50.25 -18.81 10.24
CA ARG B 111 -50.20 -20.08 10.95
C ARG B 111 -48.77 -20.55 11.17
N LEU B 112 -47.92 -20.39 10.15
CA LEU B 112 -46.51 -20.75 10.31
C LEU B 112 -45.83 -19.86 11.34
N LYS B 113 -46.15 -18.57 11.34
CA LYS B 113 -45.60 -17.67 12.35
C LYS B 113 -46.09 -18.03 13.74
N GLU B 114 -47.37 -18.36 13.87
CA GLU B 114 -47.92 -18.67 15.19
C GLU B 114 -47.45 -20.03 15.67
N PHE B 115 -47.29 -21.00 14.76
CA PHE B 115 -46.81 -22.32 15.17
C PHE B 115 -45.39 -22.25 15.69
N LEU B 116 -44.52 -21.51 15.00
CA LEU B 116 -43.14 -21.37 15.44
C LEU B 116 -43.06 -20.65 16.78
N LYS B 117 -43.91 -19.63 16.96
CA LYS B 117 -43.99 -18.97 18.26
C LYS B 117 -44.46 -19.93 19.34
N ASN B 118 -45.48 -20.74 19.04
CA ASN B 118 -46.00 -21.68 20.02
C ASN B 118 -44.98 -22.77 20.34
N TYR B 119 -44.29 -23.29 19.33
CA TYR B 119 -43.34 -24.37 19.55
C TYR B 119 -42.15 -23.92 20.39
N LEU B 120 -41.64 -22.73 20.12
CA LEU B 120 -40.46 -22.26 20.83
C LEU B 120 -40.79 -21.94 22.29
N THR B 121 -41.97 -21.40 22.55
CA THR B 121 -42.39 -21.16 23.92
C THR B 121 -42.51 -22.47 24.68
N ASN B 122 -43.02 -23.52 24.03
CA ASN B 122 -43.05 -24.83 24.66
C ASN B 122 -41.66 -25.38 24.88
N LEU B 123 -40.72 -25.02 24.00
CA LEU B 123 -39.32 -25.42 24.20
C LEU B 123 -38.65 -24.61 25.28
N LEU B 124 -39.00 -23.32 25.40
CA LEU B 124 -38.36 -22.44 26.37
C LEU B 124 -38.62 -22.91 27.80
N LYS B 125 -39.78 -23.52 28.05
CA LYS B 125 -40.09 -24.02 29.38
C LYS B 125 -39.15 -25.17 29.78
N ASP B 126 -38.71 -25.96 28.81
CA ASP B 126 -37.80 -27.06 29.11
C ASP B 126 -36.41 -26.54 29.48
N GLY B 127 -35.95 -25.48 28.81
CA GLY B 127 -34.67 -24.90 29.11
C GLY B 127 -34.81 -23.58 29.84
N GLU B 128 -35.77 -23.51 30.76
CA GLU B 128 -36.06 -22.25 31.43
C GLU B 128 -34.96 -21.89 32.42
N ASP B 129 -34.75 -22.72 33.44
CA ASP B 129 -33.83 -22.40 34.51
C ASP B 129 -33.00 -23.62 34.90
N LEU B 130 -32.52 -24.37 33.91
CA LEU B 130 -31.57 -25.43 34.22
C LEU B 130 -30.18 -24.82 34.43
N MET B 131 -29.25 -25.66 34.88
CA MET B 131 -27.93 -25.18 35.26
C MET B 131 -27.16 -24.69 34.03
N ASP B 132 -26.16 -23.84 34.30
CA ASP B 132 -25.46 -23.15 33.22
C ASP B 132 -24.70 -24.12 32.33
N GLU B 133 -24.01 -25.09 32.91
CA GLU B 133 -23.31 -26.08 32.10
C GLU B 133 -24.27 -26.96 31.31
N SER B 134 -25.49 -27.14 31.82
CA SER B 134 -26.47 -27.96 31.12
C SER B 134 -27.07 -27.22 29.92
N VAL B 135 -27.63 -26.02 30.17
CA VAL B 135 -28.48 -25.36 29.18
C VAL B 135 -27.74 -25.16 27.87
N LEU B 136 -26.45 -24.80 27.94
CA LEU B 136 -25.63 -24.59 26.76
C LEU B 136 -25.69 -25.81 25.85
N LYS B 137 -25.37 -26.98 26.42
CA LYS B 137 -25.48 -28.22 25.67
C LYS B 137 -26.88 -28.37 25.10
N PHE B 138 -27.88 -28.21 25.97
CA PHE B 138 -29.28 -28.24 25.55
C PHE B 138 -29.50 -27.29 24.39
N TYR B 139 -29.07 -26.03 24.56
CA TYR B 139 -29.26 -25.02 23.54
C TYR B 139 -28.69 -25.49 22.22
N THR B 140 -27.42 -25.94 22.26
CA THR B 140 -26.76 -26.37 21.03
C THR B 140 -27.57 -27.46 20.37
N GLN B 141 -27.93 -28.49 21.15
CA GLN B 141 -28.68 -29.60 20.60
C GLN B 141 -29.97 -29.10 19.96
N GLN B 142 -30.74 -28.31 20.73
CA GLN B 142 -32.01 -27.82 20.22
C GLN B 142 -31.77 -26.99 18.98
N TRP B 143 -30.77 -26.10 19.04
CA TRP B 143 -30.48 -25.23 17.92
C TRP B 143 -30.21 -26.06 16.68
N GLU B 144 -29.37 -27.08 16.82
CA GLU B 144 -29.02 -27.92 15.67
C GLU B 144 -30.27 -28.49 15.06
N ASP B 145 -31.10 -29.14 15.89
CA ASP B 145 -32.31 -29.76 15.37
C ASP B 145 -33.21 -28.71 14.74
N TYR B 146 -33.35 -27.58 15.44
CA TYR B 146 -34.21 -26.50 14.93
C TYR B 146 -33.74 -26.09 13.55
N ARG B 147 -32.43 -25.85 13.41
CA ARG B 147 -31.90 -25.40 12.12
C ARG B 147 -32.23 -26.42 11.05
N PHE B 148 -31.95 -27.70 11.34
CA PHE B 148 -32.21 -28.74 10.35
C PHE B 148 -33.69 -28.78 10.04
N SER B 149 -34.52 -28.74 11.08
CA SER B 149 -35.95 -28.79 10.88
C SER B 149 -36.40 -27.61 10.04
N SER B 150 -35.87 -26.41 10.35
CA SER B 150 -36.27 -25.23 9.62
C SER B 150 -35.91 -25.37 8.15
N LYS B 151 -34.72 -25.93 7.87
CA LYS B 151 -34.31 -26.12 6.49
C LYS B 151 -35.30 -27.00 5.76
N VAL B 152 -35.70 -28.11 6.39
CA VAL B 152 -36.70 -28.98 5.77
C VAL B 152 -38.00 -28.24 5.62
N LEU B 153 -38.39 -27.50 6.66
CA LEU B 153 -39.60 -26.69 6.56
C LEU B 153 -39.49 -25.70 5.42
N ASN B 154 -38.31 -25.09 5.27
CA ASN B 154 -38.11 -24.14 4.17
C ASN B 154 -38.45 -24.77 2.84
N GLY B 155 -38.03 -26.02 2.65
CA GLY B 155 -38.25 -26.69 1.37
C GLY B 155 -39.71 -26.72 0.99
N ILE B 156 -40.59 -27.04 1.96
CA ILE B 156 -42.03 -26.98 1.69
C ILE B 156 -42.42 -25.56 1.34
N CYS B 157 -42.19 -24.64 2.27
CA CYS B 157 -42.51 -23.26 1.97
C CYS B 157 -41.49 -22.63 1.04
N ALA B 158 -40.66 -23.47 0.40
CA ALA B 158 -39.96 -23.05 -0.80
C ALA B 158 -40.92 -22.46 -1.79
N TYR B 159 -42.11 -23.07 -1.96
CA TYR B 159 -43.06 -22.41 -2.84
C TYR B 159 -43.54 -21.10 -2.23
N LEU B 160 -43.75 -21.08 -0.91
CA LEU B 160 -44.06 -19.82 -0.25
C LEU B 160 -42.90 -18.85 -0.31
N ASN B 161 -41.70 -19.32 -0.63
CA ASN B 161 -40.58 -18.41 -0.82
C ASN B 161 -40.55 -17.79 -2.21
N ARG B 162 -41.47 -18.16 -3.09
CA ARG B 162 -41.45 -17.54 -4.42
C ARG B 162 -42.79 -16.94 -4.80
N HIS B 163 -43.90 -17.57 -4.43
CA HIS B 163 -45.20 -17.07 -4.87
C HIS B 163 -45.65 -15.87 -4.06
N TRP B 164 -45.37 -15.85 -2.77
CA TRP B 164 -45.99 -14.85 -1.91
C TRP B 164 -44.99 -13.95 -1.20
N VAL B 165 -43.89 -14.49 -0.67
CA VAL B 165 -42.95 -13.67 0.08
C VAL B 165 -42.24 -12.69 -0.86
N ARG B 166 -41.87 -13.14 -2.05
CA ARG B 166 -41.31 -12.23 -3.05
C ARG B 166 -42.33 -11.17 -3.44
N ARG B 167 -43.60 -11.55 -3.53
CA ARG B 167 -44.65 -10.60 -3.83
C ARG B 167 -44.77 -9.54 -2.75
N GLU B 168 -44.68 -9.93 -1.48
CA GLU B 168 -44.78 -8.97 -0.39
C GLU B 168 -43.56 -8.07 -0.33
N CYS B 169 -42.38 -8.62 -0.59
CA CYS B 169 -41.17 -7.80 -0.61
C CYS B 169 -41.20 -6.81 -1.78
N ASP B 170 -41.73 -7.22 -2.92
CA ASP B 170 -41.89 -6.30 -4.04
C ASP B 170 -42.93 -5.23 -3.73
N GLU B 171 -44.00 -5.61 -3.02
CA GLU B 171 -45.04 -4.65 -2.66
C GLU B 171 -44.55 -3.63 -1.64
N GLY B 172 -43.45 -3.92 -0.94
CA GLY B 172 -42.89 -3.00 0.04
C GLY B 172 -43.37 -3.21 1.46
N ARG B 173 -44.34 -4.10 1.68
CA ARG B 173 -44.85 -4.37 3.01
C ARG B 173 -43.77 -5.08 3.82
N LYS B 174 -43.11 -4.34 4.71
CA LYS B 174 -42.04 -4.91 5.52
C LYS B 174 -42.64 -5.73 6.65
N GLY B 175 -41.79 -6.21 7.55
CA GLY B 175 -42.26 -7.10 8.59
C GLY B 175 -42.54 -8.51 8.11
N ILE B 176 -42.15 -8.84 6.88
CA ILE B 176 -42.39 -10.16 6.31
C ILE B 176 -41.03 -10.75 5.95
N TYR B 177 -40.94 -12.07 5.97
CA TYR B 177 -39.66 -12.73 5.76
C TYR B 177 -39.86 -14.02 4.99
N GLU B 178 -38.77 -14.51 4.41
CA GLU B 178 -38.74 -15.88 3.92
C GLU B 178 -38.85 -16.84 5.09
N ILE B 179 -39.33 -18.05 4.80
CA ILE B 179 -39.73 -18.98 5.85
C ILE B 179 -38.54 -19.41 6.71
N TYR B 180 -37.38 -19.65 6.09
CA TYR B 180 -36.19 -19.97 6.87
C TYR B 180 -35.75 -18.77 7.69
N SER B 181 -35.75 -17.59 7.06
CA SER B 181 -35.46 -16.37 7.81
C SER B 181 -36.55 -16.09 8.84
N LEU B 182 -37.79 -16.51 8.58
CA LEU B 182 -38.84 -16.36 9.58
C LEU B 182 -38.55 -17.23 10.81
N ALA B 183 -38.09 -18.46 10.59
CA ALA B 183 -37.74 -19.33 11.71
C ALA B 183 -36.56 -18.76 12.49
N LEU B 184 -35.57 -18.22 11.78
CA LEU B 184 -34.45 -17.57 12.47
C LEU B 184 -34.92 -16.36 13.27
N VAL B 185 -35.77 -15.52 12.69
CA VAL B 185 -36.23 -14.31 13.39
C VAL B 185 -37.05 -14.69 14.62
N THR B 186 -37.97 -15.64 14.49
CA THR B 186 -38.74 -16.05 15.65
C THR B 186 -37.89 -16.83 16.65
N TRP B 187 -36.74 -17.35 16.23
CA TRP B 187 -35.76 -17.82 17.21
C TRP B 187 -35.10 -16.66 17.92
N ARG B 188 -34.91 -15.53 17.23
CA ARG B 188 -34.30 -14.36 17.84
C ARG B 188 -35.25 -13.61 18.78
N ASP B 189 -36.53 -13.98 18.81
CA ASP B 189 -37.50 -13.24 19.60
C ASP B 189 -38.30 -14.08 20.57
N CYS B 190 -38.06 -15.39 20.65
CA CYS B 190 -38.85 -16.23 21.54
C CYS B 190 -37.97 -17.12 22.41
N LEU B 191 -36.79 -17.46 21.92
CA LEU B 191 -35.90 -18.35 22.65
C LEU B 191 -34.52 -17.76 22.89
N PHE B 192 -33.98 -17.03 21.92
CA PHE B 192 -32.64 -16.49 22.11
C PHE B 192 -32.63 -15.30 23.06
N ARG B 193 -33.65 -14.44 22.99
CA ARG B 193 -33.67 -13.25 23.84
C ARG B 193 -33.76 -13.56 25.34
N PRO B 194 -34.67 -14.43 25.84
CA PRO B 194 -34.72 -14.63 27.29
C PRO B 194 -33.59 -15.50 27.81
N LEU B 195 -33.11 -16.43 27.00
CA LEU B 195 -32.09 -17.38 27.41
C LEU B 195 -30.67 -16.90 27.07
N ASN B 196 -30.56 -15.75 26.41
CA ASN B 196 -29.28 -15.29 25.89
C ASN B 196 -28.29 -14.98 27.00
N LYS B 197 -28.74 -14.29 28.04
CA LYS B 197 -27.84 -13.95 29.14
C LYS B 197 -27.31 -15.19 29.83
N GLN B 198 -28.18 -16.16 30.08
CA GLN B 198 -27.73 -17.39 30.74
C GLN B 198 -26.76 -18.17 29.86
N VAL B 199 -27.05 -18.27 28.56
CA VAL B 199 -26.17 -19.08 27.71
C VAL B 199 -24.83 -18.38 27.48
N THR B 200 -24.82 -17.04 27.37
CA THR B 200 -23.53 -16.38 27.19
C THR B 200 -22.73 -16.35 28.48
N ASN B 201 -23.40 -16.29 29.64
CA ASN B 201 -22.68 -16.45 30.90
C ASN B 201 -22.10 -17.85 31.01
N ALA B 202 -22.85 -18.86 30.56
CA ALA B 202 -22.35 -20.23 30.59
C ALA B 202 -21.15 -20.42 29.66
N VAL B 203 -21.21 -19.85 28.46
CA VAL B 203 -20.08 -20.04 27.54
C VAL B 203 -18.87 -19.25 28.01
N LEU B 204 -19.07 -18.10 28.65
CA LEU B 204 -17.94 -17.40 29.24
C LEU B 204 -17.34 -18.18 30.40
N LYS B 205 -18.18 -18.82 31.21
CA LYS B 205 -17.68 -19.68 32.28
C LYS B 205 -16.89 -20.85 31.72
N LEU B 206 -17.37 -21.43 30.62
CA LEU B 206 -16.68 -22.59 30.06
C LEU B 206 -15.39 -22.19 29.37
N ILE B 207 -15.35 -21.00 28.76
CA ILE B 207 -14.10 -20.48 28.20
C ILE B 207 -13.10 -20.21 29.32
N GLU B 208 -13.59 -19.69 30.46
CA GLU B 208 -12.72 -19.50 31.61
C GLU B 208 -12.18 -20.83 32.12
N LYS B 209 -13.02 -21.86 32.14
CA LYS B 209 -12.58 -23.19 32.54
C LYS B 209 -11.51 -23.73 31.59
N GLU B 210 -11.71 -23.52 30.29
CA GLU B 210 -10.73 -24.00 29.31
C GLU B 210 -9.43 -23.21 29.41
N ARG B 211 -9.50 -21.92 29.74
CA ARG B 211 -8.30 -21.13 29.92
C ARG B 211 -7.55 -21.54 31.19
N ASN B 212 -8.27 -21.96 32.22
CA ASN B 212 -7.62 -22.40 33.45
C ASN B 212 -6.82 -23.69 33.26
N GLY B 213 -7.17 -24.49 32.26
CA GLY B 213 -6.39 -25.69 31.97
C GLY B 213 -7.21 -26.91 31.62
N GLU B 214 -8.43 -27.01 32.16
CA GLU B 214 -9.26 -28.18 31.91
C GLU B 214 -9.85 -28.11 30.51
N THR B 215 -9.56 -29.12 29.69
CA THR B 215 -10.13 -29.17 28.36
C THR B 215 -11.61 -29.49 28.42
N ILE B 216 -12.33 -29.12 27.36
CA ILE B 216 -13.77 -29.32 27.28
C ILE B 216 -14.15 -29.44 25.82
N ASN B 217 -15.34 -30.00 25.57
CA ASN B 217 -15.82 -30.23 24.21
C ASN B 217 -16.04 -28.90 23.51
N THR B 218 -15.18 -28.59 22.54
CA THR B 218 -15.28 -27.35 21.80
C THR B 218 -16.45 -27.33 20.82
N ARG B 219 -17.09 -28.48 20.58
CA ARG B 219 -18.25 -28.51 19.69
C ARG B 219 -19.37 -27.65 20.23
N LEU B 220 -19.55 -27.64 21.56
CA LEU B 220 -20.58 -26.82 22.18
C LEU B 220 -20.35 -25.34 21.91
N ILE B 221 -19.10 -24.89 22.11
CA ILE B 221 -18.79 -23.48 21.90
C ILE B 221 -18.91 -23.11 20.43
N SER B 222 -18.45 -24.00 19.54
CA SER B 222 -18.55 -23.73 18.11
C SER B 222 -20.01 -23.65 17.67
N GLY B 223 -20.86 -24.50 18.23
CA GLY B 223 -22.28 -24.42 17.92
C GLY B 223 -22.92 -23.15 18.42
N VAL B 224 -22.58 -22.72 19.64
CA VAL B 224 -23.13 -21.47 20.17
C VAL B 224 -22.68 -20.29 19.32
N VAL B 225 -21.41 -20.24 18.94
CA VAL B 225 -20.91 -19.11 18.16
C VAL B 225 -21.49 -19.13 16.74
N GLN B 226 -21.66 -20.31 16.15
CA GLN B 226 -22.27 -20.41 14.84
C GLN B 226 -23.73 -19.94 14.88
N SER B 227 -24.45 -20.32 15.93
CA SER B 227 -25.82 -19.84 16.09
C SER B 227 -25.85 -18.33 16.25
N TYR B 228 -24.93 -17.78 17.04
CA TYR B 228 -24.89 -16.33 17.24
C TYR B 228 -24.60 -15.61 15.94
N VAL B 229 -23.73 -16.18 15.09
CA VAL B 229 -23.48 -15.59 13.78
C VAL B 229 -24.72 -15.66 12.92
N GLU B 230 -25.41 -16.80 12.92
CA GLU B 230 -26.52 -16.99 11.99
C GLU B 230 -27.76 -16.19 12.39
N LEU B 231 -27.95 -15.91 13.68
CA LEU B 231 -29.09 -15.09 14.10
C LEU B 231 -28.98 -13.64 13.69
N GLY B 232 -27.82 -13.19 13.21
CA GLY B 232 -27.73 -11.83 12.70
C GLY B 232 -28.31 -11.74 11.30
N LEU B 233 -29.49 -11.13 11.17
CA LEU B 233 -30.16 -11.03 9.89
C LEU B 233 -30.50 -9.58 9.60
N ASN B 234 -30.30 -9.16 8.35
CA ASN B 234 -30.70 -7.83 7.90
C ASN B 234 -32.17 -7.91 7.49
N GLU B 235 -33.05 -7.54 8.43
CA GLU B 235 -34.49 -7.69 8.20
C GLU B 235 -34.96 -6.79 7.07
N ASP B 236 -34.46 -5.55 7.01
CA ASP B 236 -34.94 -4.60 6.01
C ASP B 236 -34.52 -5.00 4.61
N ASP B 237 -33.28 -5.50 4.46
CA ASP B 237 -32.75 -5.90 3.16
C ASP B 237 -32.19 -7.31 3.30
N ALA B 238 -33.05 -8.31 3.10
CA ALA B 238 -32.60 -9.70 3.11
C ALA B 238 -31.78 -10.04 1.89
N PHE B 239 -31.87 -9.24 0.81
CA PHE B 239 -31.04 -9.45 -0.36
C PHE B 239 -29.58 -9.15 -0.08
N ALA B 240 -29.31 -8.29 0.90
CA ALA B 240 -27.94 -7.94 1.27
C ALA B 240 -27.31 -9.15 1.95
N LYS B 241 -26.47 -9.87 1.22
CA LYS B 241 -25.87 -11.11 1.69
C LYS B 241 -24.62 -10.80 2.52
N GLY B 242 -23.84 -11.85 2.81
CA GLY B 242 -22.64 -11.70 3.60
C GLY B 242 -22.88 -12.04 5.05
N PRO B 243 -21.82 -12.43 5.78
CA PRO B 243 -21.99 -12.77 7.19
C PRO B 243 -22.23 -11.54 8.05
N THR B 244 -23.47 -11.35 8.50
CA THR B 244 -23.82 -10.24 9.35
C THR B 244 -23.59 -10.63 10.81
N LEU B 245 -22.83 -9.81 11.52
CA LEU B 245 -22.40 -10.11 12.88
C LEU B 245 -22.94 -9.09 13.87
N THR B 246 -24.13 -8.56 13.63
CA THR B 246 -24.69 -7.54 14.51
C THR B 246 -25.01 -8.10 15.88
N VAL B 247 -25.75 -9.21 15.92
CA VAL B 247 -26.10 -9.79 17.22
C VAL B 247 -24.91 -10.52 17.84
N TYR B 248 -24.01 -11.05 17.02
CA TYR B 248 -22.81 -11.69 17.56
C TYR B 248 -21.92 -10.69 18.27
N LYS B 249 -21.78 -9.48 17.71
CA LYS B 249 -21.02 -8.44 18.39
C LYS B 249 -21.80 -7.82 19.53
N GLU B 250 -23.12 -7.69 19.41
CA GLU B 250 -23.90 -7.00 20.42
C GLU B 250 -24.12 -7.85 21.66
N SER B 251 -24.13 -9.18 21.54
CA SER B 251 -24.47 -10.04 22.65
C SER B 251 -23.34 -10.96 23.12
N PHE B 252 -22.32 -11.20 22.31
CA PHE B 252 -21.23 -12.08 22.69
C PHE B 252 -19.88 -11.39 22.72
N GLU B 253 -19.56 -10.61 21.68
CA GLU B 253 -18.21 -10.06 21.54
C GLU B 253 -17.88 -9.12 22.69
N SER B 254 -18.84 -8.30 23.10
CA SER B 254 -18.61 -7.39 24.22
C SER B 254 -18.38 -8.17 25.52
N GLN B 255 -19.25 -9.13 25.81
CA GLN B 255 -19.12 -9.92 27.03
C GLN B 255 -17.83 -10.74 27.01
N PHE B 256 -17.52 -11.36 25.87
CA PHE B 256 -16.32 -12.18 25.78
C PHE B 256 -15.06 -11.33 25.92
N LEU B 257 -15.05 -10.17 25.28
CA LEU B 257 -13.89 -9.29 25.38
C LEU B 257 -13.70 -8.78 26.81
N ALA B 258 -14.80 -8.43 27.49
CA ALA B 258 -14.70 -7.97 28.87
C ALA B 258 -14.21 -9.08 29.79
N ASP B 259 -14.71 -10.31 29.58
CA ASP B 259 -14.25 -11.43 30.38
C ASP B 259 -12.78 -11.72 30.15
N THR B 260 -12.32 -11.62 28.90
CA THR B 260 -10.91 -11.82 28.60
C THR B 260 -10.06 -10.73 29.26
N GLU B 261 -10.52 -9.49 29.22
CA GLU B 261 -9.82 -8.40 29.91
C GLU B 261 -9.67 -8.72 31.39
N ARG B 262 -10.77 -9.11 32.04
CA ARG B 262 -10.72 -9.38 33.48
C ARG B 262 -9.82 -10.55 33.80
N PHE B 263 -9.96 -11.66 33.05
CA PHE B 263 -9.21 -12.86 33.36
C PHE B 263 -7.72 -12.66 33.11
N TYR B 264 -7.34 -12.00 32.03
CA TYR B 264 -5.90 -11.78 31.81
C TYR B 264 -5.34 -10.73 32.75
N THR B 265 -6.16 -9.76 33.18
CA THR B 265 -5.69 -8.85 34.23
C THR B 265 -5.35 -9.62 35.50
N ARG B 266 -6.27 -10.49 35.94
CA ARG B 266 -6.04 -11.27 37.15
C ARG B 266 -4.84 -12.18 37.00
N GLU B 267 -4.76 -12.90 35.87
CA GLU B 267 -3.67 -13.86 35.66
C GLU B 267 -2.32 -13.15 35.58
N SER B 268 -2.26 -12.03 34.88
CA SER B 268 -1.00 -11.31 34.74
C SER B 268 -0.53 -10.73 36.07
N THR B 269 -1.45 -10.13 36.83
CA THR B 269 -1.05 -9.60 38.14
C THR B 269 -0.57 -10.70 39.07
N GLU B 270 -1.28 -11.84 39.09
CA GLU B 270 -0.85 -12.94 39.95
C GLU B 270 0.49 -13.50 39.51
N PHE B 271 0.71 -13.60 38.20
CA PHE B 271 1.97 -14.16 37.71
C PHE B 271 3.15 -13.23 37.98
N LEU B 272 2.96 -11.91 37.83
CA LEU B 272 4.03 -10.99 38.21
C LEU B 272 4.29 -11.03 39.70
N GLN B 273 3.24 -11.15 40.52
CA GLN B 273 3.46 -11.19 41.95
C GLN B 273 4.01 -12.53 42.43
N GLN B 274 3.98 -13.57 41.60
CA GLN B 274 4.40 -14.90 42.05
C GLN B 274 5.45 -15.56 41.15
N ASN B 275 5.95 -14.87 40.14
CA ASN B 275 6.92 -15.47 39.23
C ASN B 275 7.83 -14.37 38.68
N PRO B 276 9.03 -14.74 38.23
CA PRO B 276 9.91 -13.74 37.61
C PRO B 276 9.39 -13.30 36.25
N VAL B 277 10.06 -12.28 35.71
CA VAL B 277 9.57 -11.62 34.50
C VAL B 277 9.72 -12.52 33.28
N THR B 278 10.83 -13.24 33.16
CA THR B 278 11.10 -14.02 31.95
C THR B 278 10.09 -15.16 31.79
N GLU B 279 9.76 -15.84 32.88
CA GLU B 279 8.70 -16.86 32.82
C GLU B 279 7.37 -16.23 32.46
N TYR B 280 7.14 -14.99 32.89
CA TYR B 280 5.93 -14.29 32.49
C TYR B 280 5.92 -13.99 31.00
N MET B 281 7.08 -13.65 30.43
CA MET B 281 7.17 -13.48 28.99
C MET B 281 6.83 -14.77 28.27
N LYS B 282 7.37 -15.90 28.76
CA LYS B 282 7.07 -17.20 28.18
C LYS B 282 5.57 -17.49 28.23
N LYS B 283 4.96 -17.29 29.40
CA LYS B 283 3.55 -17.58 29.56
C LYS B 283 2.68 -16.63 28.75
N ALA B 284 3.12 -15.38 28.58
CA ALA B 284 2.33 -14.42 27.80
C ALA B 284 2.38 -14.74 26.32
N GLU B 285 3.54 -15.16 25.82
CA GLU B 285 3.62 -15.62 24.43
C GLU B 285 2.76 -16.86 24.23
N ALA B 286 2.80 -17.78 25.19
CA ALA B 286 1.94 -18.97 25.11
C ALA B 286 0.48 -18.58 25.12
N ARG B 287 0.10 -17.61 25.95
CA ARG B 287 -1.29 -17.16 26.02
C ARG B 287 -1.74 -16.53 24.72
N LEU B 288 -0.89 -15.72 24.11
CA LEU B 288 -1.26 -15.08 22.84
C LEU B 288 -1.41 -16.11 21.72
N LEU B 289 -0.49 -17.08 21.65
CA LEU B 289 -0.63 -18.14 20.65
C LEU B 289 -1.87 -18.98 20.90
N GLU B 290 -2.14 -19.30 22.17
CA GLU B 290 -3.34 -20.07 22.51
C GLU B 290 -4.61 -19.29 22.21
N GLU B 291 -4.57 -17.96 22.34
CA GLU B 291 -5.74 -17.16 22.01
C GLU B 291 -5.99 -17.12 20.51
N GLN B 292 -4.91 -17.05 19.72
CA GLN B 292 -5.08 -17.20 18.27
C GLN B 292 -5.64 -18.57 17.92
N ARG B 293 -5.21 -19.61 18.65
CA ARG B 293 -5.79 -20.94 18.44
C ARG B 293 -7.27 -20.96 18.78
N ARG B 294 -7.64 -20.36 19.91
CA ARG B 294 -9.04 -20.35 20.33
C ARG B 294 -9.92 -19.62 19.34
N VAL B 295 -9.46 -18.49 18.83
CA VAL B 295 -10.23 -17.79 17.80
C VAL B 295 -10.29 -18.63 16.53
N GLN B 296 -9.19 -19.30 16.18
CA GLN B 296 -9.16 -20.08 14.95
C GLN B 296 -10.06 -21.31 15.02
N VAL B 297 -10.18 -21.94 16.19
CA VAL B 297 -10.83 -23.25 16.25
C VAL B 297 -12.34 -23.10 16.42
N TYR B 298 -12.79 -22.48 17.52
CA TYR B 298 -14.21 -22.51 17.84
C TYR B 298 -14.77 -21.11 18.11
N LEU B 299 -14.23 -20.09 17.46
CA LEU B 299 -14.83 -18.76 17.50
C LEU B 299 -15.07 -18.29 16.07
N HIS B 300 -15.43 -17.02 15.91
CA HIS B 300 -15.58 -16.45 14.58
C HIS B 300 -14.25 -15.88 14.10
N GLU B 301 -14.16 -15.65 12.79
CA GLU B 301 -12.94 -15.08 12.23
C GLU B 301 -12.75 -13.64 12.66
N SER B 302 -13.85 -12.86 12.73
CA SER B 302 -13.76 -11.43 12.98
C SER B 302 -13.24 -11.09 14.38
N THR B 303 -13.24 -12.06 15.30
CA THR B 303 -12.69 -11.82 16.62
C THR B 303 -11.16 -11.75 16.61
N GLN B 304 -10.53 -12.25 15.54
CA GLN B 304 -9.08 -12.42 15.53
C GLN B 304 -8.34 -11.10 15.70
N ASP B 305 -8.78 -10.06 14.99
CA ASP B 305 -8.11 -8.76 15.12
C ASP B 305 -8.39 -8.13 16.49
N GLU B 306 -9.67 -8.10 16.88
CA GLU B 306 -10.06 -7.39 18.08
C GLU B 306 -9.53 -8.08 19.34
N LEU B 307 -9.60 -9.41 19.39
CA LEU B 307 -9.09 -10.11 20.56
C LEU B 307 -7.57 -9.99 20.66
N ALA B 308 -6.87 -10.06 19.53
CA ALA B 308 -5.42 -9.91 19.57
C ALA B 308 -5.04 -8.52 20.06
N ARG B 309 -5.74 -7.49 19.57
CA ARG B 309 -5.47 -6.13 20.05
C ARG B 309 -5.77 -5.99 21.54
N LYS B 310 -6.89 -6.56 21.99
CA LYS B 310 -7.27 -6.42 23.40
C LYS B 310 -6.30 -7.16 24.31
N CYS B 311 -5.87 -8.35 23.89
CA CYS B 311 -4.92 -9.12 24.69
C CYS B 311 -3.55 -8.47 24.70
N GLU B 312 -3.14 -7.85 23.59
CA GLU B 312 -1.89 -7.10 23.59
C GLU B 312 -1.99 -5.88 24.48
N GLN B 313 -3.17 -5.25 24.54
CA GLN B 313 -3.34 -4.06 25.35
C GLN B 313 -3.42 -4.39 26.84
N VAL B 314 -3.90 -5.58 27.21
CA VAL B 314 -4.06 -5.92 28.62
C VAL B 314 -2.93 -6.80 29.16
N LEU B 315 -2.22 -7.52 28.31
CA LEU B 315 -1.20 -8.46 28.76
C LEU B 315 0.20 -7.88 28.71
N ILE B 316 0.49 -7.04 27.72
CA ILE B 316 1.82 -6.47 27.53
C ILE B 316 1.85 -4.97 27.78
N GLU B 317 0.83 -4.25 27.30
CA GLU B 317 0.85 -2.79 27.36
C GLU B 317 0.76 -2.29 28.80
N LYS B 318 -0.22 -2.78 29.55
CA LYS B 318 -0.46 -2.26 30.89
C LYS B 318 0.64 -2.62 31.88
N HIS B 319 1.53 -3.54 31.52
CA HIS B 319 2.72 -3.84 32.32
C HIS B 319 4.00 -3.39 31.65
N LEU B 320 3.89 -2.63 30.55
CA LEU B 320 5.05 -2.29 29.73
C LEU B 320 6.13 -1.59 30.55
N GLU B 321 5.73 -0.76 31.51
CA GLU B 321 6.69 -0.07 32.36
C GLU B 321 7.60 -1.05 33.08
N ILE B 322 7.01 -2.07 33.73
CA ILE B 322 7.84 -3.03 34.44
C ILE B 322 8.68 -3.84 33.47
N PHE B 323 8.24 -3.92 32.20
CA PHE B 323 9.04 -4.55 31.17
C PHE B 323 10.39 -3.85 31.04
N HIS B 324 10.36 -2.51 31.01
CA HIS B 324 11.60 -1.75 30.99
C HIS B 324 12.43 -2.03 32.23
N THR B 325 11.76 -2.21 33.38
CA THR B 325 12.46 -2.51 34.62
C THR B 325 13.23 -3.81 34.50
N GLU B 326 12.77 -4.74 33.67
CA GLU B 326 13.54 -5.95 33.43
C GLU B 326 14.56 -5.78 32.31
N PHE B 327 14.25 -4.93 31.32
CA PHE B 327 14.95 -4.96 30.03
C PHE B 327 16.45 -4.77 30.21
N GLN B 328 16.86 -3.65 30.78
CA GLN B 328 18.28 -3.40 31.03
C GLN B 328 18.87 -4.48 31.92
N ASN B 329 18.13 -4.88 32.96
CA ASN B 329 18.59 -6.00 33.80
C ASN B 329 18.73 -7.26 32.97
N LEU B 330 17.75 -7.53 32.11
CA LEU B 330 17.87 -8.63 31.17
C LEU B 330 19.07 -8.41 30.25
N LEU B 331 19.22 -7.18 29.77
CA LEU B 331 20.37 -6.83 28.95
C LEU B 331 21.67 -6.89 29.74
N ASP B 332 21.60 -6.82 31.07
CA ASP B 332 22.80 -7.00 31.87
C ASP B 332 23.26 -8.45 31.86
N ALA B 333 22.34 -9.39 31.67
CA ALA B 333 22.67 -10.80 31.71
C ALA B 333 23.04 -11.37 30.35
N ASP B 334 22.91 -10.58 29.28
CA ASP B 334 23.21 -10.99 27.91
C ASP B 334 22.44 -12.25 27.51
N LYS B 335 21.17 -12.30 27.91
CA LYS B 335 20.30 -13.42 27.56
C LYS B 335 19.69 -13.11 26.19
N ASN B 336 20.38 -13.54 25.13
CA ASN B 336 19.97 -13.18 23.78
C ASN B 336 18.59 -13.72 23.45
N GLU B 337 18.29 -14.95 23.83
CA GLU B 337 16.97 -15.52 23.57
C GLU B 337 15.89 -14.78 24.33
N ASP B 338 16.18 -14.38 25.57
CA ASP B 338 15.20 -13.64 26.36
C ASP B 338 14.96 -12.25 25.79
N LEU B 339 16.02 -11.59 25.29
CA LEU B 339 15.81 -10.32 24.59
C LEU B 339 15.00 -10.52 23.31
N GLY B 340 15.22 -11.65 22.62
CA GLY B 340 14.41 -11.92 21.44
C GLY B 340 12.94 -12.08 21.77
N ARG B 341 12.63 -12.82 22.83
CA ARG B 341 11.25 -12.95 23.29
C ARG B 341 10.70 -11.60 23.72
N MET B 342 11.52 -10.80 24.41
CA MET B 342 11.12 -9.47 24.84
C MET B 342 10.72 -8.59 23.67
N TYR B 343 11.56 -8.56 22.63
CA TYR B 343 11.25 -7.76 21.45
C TYR B 343 10.02 -8.31 20.72
N ASN B 344 9.90 -9.63 20.63
CA ASN B 344 8.77 -10.23 19.93
C ASN B 344 7.45 -9.86 20.60
N LEU B 345 7.43 -9.86 21.94
CA LEU B 345 6.20 -9.48 22.62
C LEU B 345 5.96 -7.98 22.59
N VAL B 346 7.01 -7.16 22.73
CA VAL B 346 6.82 -5.72 22.79
C VAL B 346 6.38 -5.17 21.45
N SER B 347 6.92 -5.71 20.34
CA SER B 347 6.67 -5.17 19.01
C SER B 347 5.21 -5.31 18.58
N ARG B 348 4.40 -6.12 19.27
CA ARG B 348 2.99 -6.18 18.96
C ARG B 348 2.25 -4.90 19.35
N ILE B 349 2.85 -4.08 20.21
CA ILE B 349 2.30 -2.76 20.55
C ILE B 349 2.93 -1.75 19.61
N GLN B 350 2.08 -0.98 18.92
CA GLN B 350 2.59 0.04 18.01
C GLN B 350 3.23 1.18 18.80
N ASP B 351 4.42 1.59 18.36
CA ASP B 351 5.15 2.71 18.93
C ASP B 351 5.41 2.53 20.42
N GLY B 352 5.59 1.29 20.85
CA GLY B 352 5.92 1.00 22.23
C GLY B 352 7.39 0.67 22.40
N LEU B 353 8.03 0.26 21.29
CA LEU B 353 9.45 -0.06 21.33
C LEU B 353 10.30 1.19 21.55
N GLY B 354 9.82 2.34 21.09
CA GLY B 354 10.60 3.55 20.91
C GLY B 354 11.50 3.95 22.06
N GLU B 355 10.91 4.35 23.19
CA GLU B 355 11.71 4.67 24.37
C GLU B 355 12.54 3.46 24.80
N LEU B 356 11.93 2.27 24.76
CA LEU B 356 12.66 1.04 25.03
C LEU B 356 13.87 0.91 24.13
N LYS B 357 13.69 1.20 22.83
CA LYS B 357 14.80 1.21 21.88
C LYS B 357 15.93 2.09 22.38
N LYS B 358 15.58 3.31 22.80
CA LYS B 358 16.58 4.26 23.27
C LYS B 358 17.36 3.68 24.44
N LEU B 359 16.67 2.93 25.31
CA LEU B 359 17.33 2.33 26.46
C LEU B 359 18.48 1.44 26.03
N LEU B 360 18.24 0.60 25.01
CA LEU B 360 19.29 -0.24 24.45
C LEU B 360 20.51 0.60 24.10
N GLU B 361 20.27 1.69 23.36
CA GLU B 361 21.34 2.57 22.92
C GLU B 361 22.19 3.00 24.10
N THR B 362 21.54 3.47 25.17
CA THR B 362 22.28 3.98 26.31
C THR B 362 23.17 2.89 26.90
N HIS B 363 22.62 1.68 27.05
CA HIS B 363 23.41 0.61 27.63
C HIS B 363 24.65 0.34 26.80
N ILE B 364 24.49 0.31 25.47
CA ILE B 364 25.61 0.01 24.60
C ILE B 364 26.70 1.06 24.79
N HIS B 365 26.28 2.33 24.86
CA HIS B 365 27.24 3.40 25.07
C HIS B 365 28.00 3.19 26.37
N ASN B 366 27.27 2.87 27.44
CA ASN B 366 27.92 2.63 28.72
C ASN B 366 28.89 1.47 28.60
N GLN B 367 28.45 0.39 27.96
CA GLN B 367 29.31 -0.77 27.80
C GLN B 367 30.56 -0.40 27.01
N GLY B 368 30.38 0.41 25.97
CA GLY B 368 31.51 0.85 25.18
C GLY B 368 32.55 1.57 26.02
N LEU B 369 32.09 2.47 26.89
CA LEU B 369 33.01 3.18 27.75
C LEU B 369 33.74 2.22 28.66
N ALA B 370 32.99 1.26 29.24
CA ALA B 370 33.62 0.26 30.09
C ALA B 370 34.62 -0.56 29.31
N ALA B 371 34.33 -0.80 28.03
CA ALA B 371 35.26 -1.51 27.17
C ALA B 371 36.59 -0.78 27.09
N ILE B 372 36.55 0.53 26.90
CA ILE B 372 37.78 1.30 26.86
C ILE B 372 38.45 1.28 28.22
N GLU B 373 37.66 1.25 29.30
CA GLU B 373 38.24 1.15 30.63
C GLU B 373 38.93 -0.18 30.86
N LYS B 374 38.59 -1.21 30.06
CA LYS B 374 39.32 -2.46 30.14
C LYS B 374 40.69 -2.32 29.49
N CYS B 375 40.81 -1.45 28.49
CA CYS B 375 42.09 -1.30 27.80
C CYS B 375 43.09 -0.48 28.62
N GLY B 376 42.62 0.55 29.31
CA GLY B 376 43.50 1.33 30.15
C GLY B 376 44.44 2.24 29.35
N GLU B 377 45.57 2.56 29.99
CA GLU B 377 46.53 3.48 29.40
C GLU B 377 47.21 2.91 28.17
N ALA B 378 47.29 1.58 28.04
CA ALA B 378 47.99 0.96 26.93
C ALA B 378 47.33 1.23 25.59
N ALA B 379 46.03 1.50 25.57
CA ALA B 379 45.33 1.77 24.32
C ALA B 379 45.78 3.07 23.66
N LEU B 380 46.32 4.02 24.44
CA LEU B 380 46.76 5.27 23.86
C LEU B 380 47.99 5.08 22.96
N ASN B 381 48.78 4.04 23.22
CA ASN B 381 49.97 3.77 22.41
C ASN B 381 49.94 2.44 21.70
N ASP B 382 49.01 1.54 22.02
CA ASP B 382 48.85 0.28 21.31
C ASP B 382 47.50 0.29 20.62
N PRO B 383 47.44 0.62 19.33
CA PRO B 383 46.14 0.74 18.66
C PRO B 383 45.44 -0.58 18.44
N LYS B 384 46.17 -1.70 18.41
CA LYS B 384 45.56 -2.98 18.08
C LYS B 384 44.53 -3.38 19.12
N MET B 385 44.88 -3.27 20.41
CA MET B 385 43.95 -3.66 21.46
C MET B 385 42.75 -2.72 21.51
N TYR B 386 42.98 -1.42 21.26
CA TYR B 386 41.88 -0.45 21.30
C TYR B 386 40.87 -0.70 20.19
N VAL B 387 41.36 -0.84 18.96
CA VAL B 387 40.47 -1.09 17.83
C VAL B 387 39.81 -2.44 17.96
N GLN B 388 40.55 -3.45 18.46
CA GLN B 388 39.96 -4.77 18.66
C GLN B 388 38.86 -4.73 19.71
N THR B 389 39.05 -3.97 20.78
CA THR B 389 38.02 -3.86 21.81
C THR B 389 36.77 -3.19 21.27
N VAL B 390 36.94 -2.07 20.56
CA VAL B 390 35.78 -1.35 20.00
C VAL B 390 35.05 -2.23 19.00
N LEU B 391 35.81 -2.89 18.12
CA LEU B 391 35.21 -3.76 17.11
C LEU B 391 34.54 -4.97 17.74
N ASP B 392 35.10 -5.52 18.83
CA ASP B 392 34.45 -6.63 19.51
C ASP B 392 33.12 -6.22 20.13
N VAL B 393 33.08 -5.05 20.76
CA VAL B 393 31.82 -4.57 21.31
C VAL B 393 30.79 -4.35 20.21
N HIS B 394 31.22 -3.72 19.11
CA HIS B 394 30.30 -3.49 18.00
C HIS B 394 29.82 -4.79 17.39
N LYS B 395 30.71 -5.77 17.25
CA LYS B 395 30.33 -7.06 16.66
C LYS B 395 29.38 -7.81 17.58
N LYS B 396 29.63 -7.80 18.88
CA LYS B 396 28.73 -8.47 19.81
C LYS B 396 27.35 -7.86 19.79
N TYR B 397 27.26 -6.52 19.79
CA TYR B 397 25.93 -5.92 19.79
C TYR B 397 25.28 -6.02 18.42
N ASN B 398 26.06 -6.09 17.34
CA ASN B 398 25.47 -6.35 16.03
C ASN B 398 24.90 -7.76 15.94
N ALA B 399 25.60 -8.72 16.54
CA ALA B 399 25.09 -10.09 16.59
C ALA B 399 23.82 -10.16 17.43
N LEU B 400 23.79 -9.42 18.53
CA LEU B 400 22.60 -9.41 19.38
C LEU B 400 21.42 -8.72 18.70
N VAL B 401 21.68 -7.67 17.91
CA VAL B 401 20.58 -6.96 17.27
C VAL B 401 20.15 -7.62 15.98
N MET B 402 21.00 -8.44 15.36
CA MET B 402 20.64 -9.10 14.12
C MET B 402 19.92 -10.42 14.33
N SER B 403 19.92 -10.95 15.55
CA SER B 403 19.24 -12.21 15.85
C SER B 403 18.07 -12.01 16.80
N ALA B 404 18.31 -11.41 17.96
CA ALA B 404 17.23 -11.22 18.92
C ALA B 404 16.26 -10.14 18.48
N PHE B 405 16.77 -9.08 17.85
CA PHE B 405 15.97 -7.92 17.50
C PHE B 405 15.56 -7.90 16.03
N ASN B 406 15.81 -8.98 15.29
CA ASN B 406 15.32 -9.18 13.92
C ASN B 406 15.79 -8.09 12.97
N ASN B 407 16.97 -7.51 13.24
CA ASN B 407 17.58 -6.48 12.39
C ASN B 407 16.64 -5.30 12.17
N ASP B 408 16.00 -4.84 13.25
CA ASP B 408 15.09 -3.72 13.15
C ASP B 408 15.85 -2.44 12.76
N ALA B 409 15.23 -1.65 11.89
CA ALA B 409 15.88 -0.44 11.38
C ALA B 409 16.12 0.56 12.50
N GLY B 410 15.13 0.75 13.38
CA GLY B 410 15.31 1.65 14.51
C GLY B 410 16.38 1.17 15.46
N PHE B 411 16.43 -0.15 15.71
CA PHE B 411 17.44 -0.68 16.61
C PHE B 411 18.84 -0.62 15.99
N VAL B 412 18.94 -0.84 14.68
CA VAL B 412 20.22 -0.67 14.01
C VAL B 412 20.67 0.77 14.06
N ALA B 413 19.73 1.71 13.90
CA ALA B 413 20.06 3.12 14.02
C ALA B 413 20.53 3.46 15.43
N ALA B 414 19.89 2.89 16.46
CA ALA B 414 20.33 3.11 17.82
C ALA B 414 21.72 2.54 18.06
N LEU B 415 22.00 1.36 17.49
CA LEU B 415 23.34 0.79 17.57
C LEU B 415 24.38 1.70 16.93
N ASP B 416 24.06 2.22 15.74
CA ASP B 416 25.02 3.10 15.05
C ASP B 416 25.24 4.39 15.83
N LYS B 417 24.18 4.97 16.37
CA LYS B 417 24.32 6.20 17.16
C LYS B 417 25.16 5.95 18.41
N ALA B 418 24.91 4.85 19.12
CA ALA B 418 25.70 4.55 20.31
C ALA B 418 27.15 4.27 19.95
N CYS B 419 27.39 3.54 18.86
CA CYS B 419 28.75 3.24 18.44
C CYS B 419 29.51 4.51 18.10
N GLY B 420 28.88 5.43 17.38
CA GLY B 420 29.51 6.72 17.14
C GLY B 420 29.78 7.46 18.44
N ARG B 421 28.86 7.37 19.39
CA ARG B 421 29.01 8.13 20.63
C ARG B 421 30.14 7.61 21.51
N PHE B 422 30.43 6.30 21.51
CA PHE B 422 31.58 5.91 22.31
C PHE B 422 32.84 5.69 21.47
N ILE B 423 32.77 5.87 20.16
CA ILE B 423 34.00 5.89 19.37
C ILE B 423 34.59 7.29 19.31
N ASN B 424 33.77 8.30 19.04
CA ASN B 424 34.31 9.64 18.87
C ASN B 424 34.74 10.26 20.20
N ASN B 425 34.14 9.84 21.32
CA ASN B 425 34.50 10.37 22.63
C ASN B 425 34.41 9.23 23.65
N ASN B 426 35.56 8.84 24.19
CA ASN B 426 35.62 7.79 25.20
C ASN B 426 36.82 8.07 26.10
N ALA B 427 37.24 7.05 26.84
CA ALA B 427 38.26 7.24 27.87
C ALA B 427 39.61 7.64 27.28
N VAL B 428 40.01 7.03 26.16
CA VAL B 428 41.30 7.38 25.57
C VAL B 428 41.26 8.78 24.97
N THR B 429 40.10 9.20 24.43
CA THR B 429 39.97 10.57 23.94
C THR B 429 40.05 11.58 25.07
N LYS B 430 39.51 11.24 26.24
CA LYS B 430 39.65 12.12 27.40
C LYS B 430 41.10 12.15 27.88
N MET B 431 41.80 11.01 27.79
CA MET B 431 43.20 10.98 28.17
C MET B 431 44.06 11.82 27.23
N ALA B 432 43.76 11.79 25.94
CA ALA B 432 44.45 12.63 24.96
C ALA B 432 43.78 13.98 24.78
N GLN B 433 42.76 14.28 25.59
CA GLN B 433 42.05 15.58 25.66
C GLN B 433 41.57 16.07 24.28
N SER B 434 41.41 15.15 23.33
CA SER B 434 41.00 15.51 21.98
C SER B 434 40.34 14.31 21.34
N SER B 435 39.31 14.56 20.54
CA SER B 435 38.65 13.47 19.82
C SER B 435 39.47 12.99 18.63
N SER B 436 40.45 13.80 18.18
CA SER B 436 41.25 13.43 17.02
C SER B 436 42.12 12.20 17.27
N LYS B 437 42.34 11.83 18.53
CA LYS B 437 43.05 10.59 18.82
C LYS B 437 42.22 9.37 18.45
N SER B 438 40.88 9.50 18.41
CA SER B 438 40.04 8.34 18.13
C SER B 438 40.22 7.78 16.72
N PRO B 439 40.23 8.58 15.63
CA PRO B 439 40.48 7.97 14.32
C PRO B 439 41.95 7.67 14.08
N GLU B 440 42.83 8.52 14.61
CA GLU B 440 44.26 8.39 14.36
C GLU B 440 44.78 7.03 14.82
N LEU B 441 44.41 6.62 16.03
CA LEU B 441 44.75 5.29 16.51
C LEU B 441 44.22 4.23 15.55
N LEU B 442 42.95 4.37 15.15
CA LEU B 442 42.39 3.47 14.14
C LEU B 442 43.22 3.53 12.86
N ALA B 443 43.62 4.73 12.45
CA ALA B 443 44.52 4.87 11.31
C ALA B 443 45.79 4.07 11.54
N ARG B 444 46.42 4.25 12.71
CA ARG B 444 47.63 3.50 13.00
C ARG B 444 47.36 2.01 12.95
N TYR B 445 46.16 1.60 13.36
CA TYR B 445 45.81 0.18 13.33
C TYR B 445 45.89 -0.37 11.92
N CYS B 446 45.32 0.35 10.93
CA CYS B 446 45.37 -0.20 9.59
C CYS B 446 46.79 -0.16 9.05
N ASP B 447 47.61 0.76 9.54
CA ASP B 447 49.02 0.73 9.19
C ASP B 447 49.67 -0.56 9.70
N SER B 448 49.31 -0.96 10.92
CA SER B 448 49.80 -2.22 11.45
C SER B 448 49.30 -3.42 10.68
N LEU B 449 48.26 -3.28 9.86
CA LEU B 449 47.78 -4.34 9.01
C LEU B 449 48.28 -4.22 7.58
N LEU B 450 49.11 -3.22 7.28
CA LEU B 450 49.73 -3.12 5.97
C LEU B 450 51.24 -3.10 6.02
N LYS B 451 51.84 -3.03 7.21
CA LYS B 451 53.29 -3.06 7.34
C LYS B 451 53.80 -4.45 7.04
N LYS B 452 54.81 -4.54 6.18
CA LYS B 452 55.39 -5.83 5.82
C LYS B 452 56.24 -6.36 6.96
N SER B 453 55.63 -7.17 7.83
CA SER B 453 56.31 -7.71 8.98
C SER B 453 56.85 -9.11 8.68
N SER B 454 57.48 -9.72 9.68
CA SER B 454 57.96 -11.09 9.53
C SER B 454 56.80 -12.07 9.35
N LYS B 455 55.73 -11.88 10.12
CA LYS B 455 54.53 -12.68 9.95
C LYS B 455 53.83 -12.29 8.66
N ASN B 456 53.33 -13.29 7.93
CA ASN B 456 52.63 -13.05 6.67
C ASN B 456 51.15 -13.37 6.85
N PRO B 457 50.29 -12.38 7.03
CA PRO B 457 48.86 -12.65 7.19
C PRO B 457 48.24 -13.13 5.88
N GLU B 458 47.22 -13.99 6.03
CA GLU B 458 46.50 -14.50 4.87
C GLU B 458 45.65 -13.40 4.24
N GLU B 459 45.53 -13.47 2.91
CA GLU B 459 44.87 -12.39 2.17
C GLU B 459 43.38 -12.32 2.48
N ALA B 460 42.71 -13.47 2.61
CA ALA B 460 41.27 -13.47 2.83
C ALA B 460 40.90 -12.88 4.19
N GLU B 461 41.57 -13.35 5.25
CA GLU B 461 41.29 -12.82 6.57
C GLU B 461 41.74 -11.37 6.69
N LEU B 462 42.79 -10.99 5.94
CA LEU B 462 43.19 -9.58 5.89
C LEU B 462 42.09 -8.73 5.27
N GLU B 463 41.48 -9.22 4.19
CA GLU B 463 40.37 -8.48 3.59
C GLU B 463 39.19 -8.39 4.55
N ASP B 464 38.92 -9.48 5.28
CA ASP B 464 37.83 -9.46 6.25
C ASP B 464 38.07 -8.44 7.35
N THR B 465 39.30 -8.40 7.90
CA THR B 465 39.54 -7.48 9.00
C THR B 465 39.68 -6.03 8.52
N LEU B 466 40.12 -5.80 7.28
CA LEU B 466 40.03 -4.45 6.73
C LEU B 466 38.57 -4.04 6.50
N ASN B 467 37.71 -4.98 6.14
CA ASN B 467 36.28 -4.67 6.06
C ASN B 467 35.73 -4.29 7.43
N GLN B 468 36.16 -5.02 8.46
CA GLN B 468 35.76 -4.66 9.83
C GLN B 468 36.29 -3.29 10.22
N VAL B 469 37.51 -2.96 9.81
CA VAL B 469 38.08 -1.65 10.10
C VAL B 469 37.27 -0.56 9.42
N MET B 470 36.84 -0.81 8.18
CA MET B 470 35.98 0.15 7.48
C MET B 470 34.64 0.30 8.21
N VAL B 471 34.11 -0.81 8.73
CA VAL B 471 32.86 -0.74 9.49
C VAL B 471 33.04 0.13 10.73
N VAL B 472 34.15 -0.03 11.43
CA VAL B 472 34.44 0.82 12.58
C VAL B 472 34.59 2.28 12.15
N PHE B 473 35.29 2.50 11.04
CA PHE B 473 35.55 3.86 10.56
C PHE B 473 34.26 4.56 10.14
N LYS B 474 33.23 3.79 9.77
CA LYS B 474 31.96 4.38 9.37
C LYS B 474 31.36 5.26 10.46
N TYR B 475 31.67 4.99 11.72
CA TYR B 475 31.17 5.80 12.84
C TYR B 475 32.13 6.91 13.26
N ILE B 476 33.28 7.05 12.60
CA ILE B 476 34.20 8.13 12.91
C ILE B 476 33.59 9.46 12.48
N GLU B 477 33.58 10.43 13.39
CA GLU B 477 33.22 11.80 13.00
C GLU B 477 34.34 12.46 12.24
N ASP B 478 35.52 12.57 12.86
CA ASP B 478 36.65 13.27 12.25
C ASP B 478 37.28 12.37 11.20
N LYS B 479 36.62 12.30 10.04
CA LYS B 479 37.11 11.44 8.97
C LYS B 479 38.31 12.05 8.27
N ASP B 480 38.45 13.38 8.27
CA ASP B 480 39.59 14.01 7.63
C ASP B 480 40.89 13.74 8.39
N VAL B 481 40.81 13.65 9.73
CA VAL B 481 41.99 13.29 10.51
C VAL B 481 42.47 11.90 10.13
N PHE B 482 41.54 10.96 10.01
CA PHE B 482 41.89 9.60 9.59
C PHE B 482 42.44 9.60 8.17
N GLN B 483 41.87 10.43 7.29
CA GLN B 483 42.37 10.50 5.92
C GLN B 483 43.82 10.98 5.89
N LYS B 484 44.13 12.04 6.64
CA LYS B 484 45.49 12.55 6.64
C LYS B 484 46.46 11.57 7.29
N PHE B 485 46.06 10.93 8.38
CA PHE B 485 46.96 9.98 9.03
C PHE B 485 47.19 8.75 8.15
N TYR B 486 46.15 8.25 7.49
CA TYR B 486 46.33 7.13 6.59
C TYR B 486 47.18 7.52 5.39
N ALA B 487 47.02 8.74 4.89
CA ALA B 487 47.86 9.21 3.78
C ALA B 487 49.32 9.27 4.20
N LYS B 488 49.58 9.79 5.39
CA LYS B 488 50.96 9.88 5.87
C LYS B 488 51.56 8.49 6.08
N MET B 489 50.79 7.57 6.67
CA MET B 489 51.32 6.22 6.88
C MET B 489 51.49 5.47 5.58
N LEU B 490 50.60 5.68 4.61
CA LEU B 490 50.76 5.09 3.29
C LEU B 490 52.00 5.64 2.59
N ALA B 491 52.28 6.93 2.78
CA ALA B 491 53.50 7.52 2.24
C ALA B 491 54.73 6.88 2.86
N LYS B 492 54.75 6.78 4.19
CA LYS B 492 55.89 6.17 4.88
C LYS B 492 56.05 4.70 4.49
N ARG B 493 54.95 4.03 4.15
CA ARG B 493 55.03 2.65 3.70
C ARG B 493 55.57 2.55 2.28
N LEU B 494 55.09 3.43 1.39
CA LEU B 494 55.41 3.29 -0.03
C LEU B 494 56.82 3.77 -0.35
N VAL B 495 57.27 4.86 0.27
CA VAL B 495 58.61 5.36 -0.05
C VAL B 495 59.69 4.43 0.46
N HIS B 496 59.39 3.58 1.44
CA HIS B 496 60.30 2.56 1.91
C HIS B 496 59.98 1.18 1.35
N GLN B 497 59.05 1.11 0.38
CA GLN B 497 58.49 -0.11 -0.21
C GLN B 497 58.26 -1.22 0.81
N ASN B 498 57.76 -0.84 1.99
CA ASN B 498 57.57 -1.75 3.11
C ASN B 498 56.12 -2.19 3.24
N SER B 499 55.39 -2.28 2.14
CA SER B 499 53.97 -2.56 2.17
C SER B 499 53.71 -4.07 2.16
N ALA B 500 52.49 -4.43 2.55
CA ALA B 500 52.00 -5.79 2.46
C ALA B 500 51.55 -6.08 1.03
N SER B 501 50.78 -7.15 0.84
CA SER B 501 50.29 -7.49 -0.49
C SER B 501 49.51 -6.34 -1.11
N ASP B 502 49.84 -6.02 -2.37
CA ASP B 502 49.36 -4.80 -3.00
C ASP B 502 47.85 -4.83 -3.23
N ASP B 503 47.29 -6.02 -3.47
CA ASP B 503 45.85 -6.12 -3.68
C ASP B 503 45.07 -5.72 -2.43
N ALA B 504 45.63 -6.00 -1.25
CA ALA B 504 45.01 -5.52 -0.02
C ALA B 504 44.98 -4.00 0.04
N GLU B 505 46.07 -3.35 -0.38
CA GLU B 505 46.11 -1.89 -0.42
C GLU B 505 45.07 -1.36 -1.41
N ALA B 506 44.99 -1.96 -2.59
CA ALA B 506 44.02 -1.51 -3.59
C ALA B 506 42.59 -1.70 -3.10
N SER B 507 42.32 -2.82 -2.43
CA SER B 507 40.98 -3.06 -1.90
C SER B 507 40.64 -2.09 -0.79
N MET B 508 41.61 -1.76 0.07
CA MET B 508 41.36 -0.78 1.12
C MET B 508 41.07 0.60 0.53
N ILE B 509 41.82 0.98 -0.51
CA ILE B 509 41.58 2.27 -1.17
C ILE B 509 40.21 2.28 -1.83
N SER B 510 39.83 1.16 -2.46
CA SER B 510 38.52 1.08 -3.10
C SER B 510 37.40 1.15 -2.06
N LYS B 511 37.59 0.52 -0.91
CA LYS B 511 36.60 0.60 0.16
C LYS B 511 36.47 2.03 0.69
N LEU B 512 37.59 2.73 0.85
CA LEU B 512 37.54 4.13 1.26
C LEU B 512 36.82 4.98 0.22
N LYS B 513 37.08 4.70 -1.06
CA LYS B 513 36.38 5.42 -2.13
C LYS B 513 34.89 5.19 -2.07
N GLN B 514 34.48 3.92 -1.92
CA GLN B 514 33.06 3.61 -1.82
C GLN B 514 32.43 4.24 -0.58
N ALA B 515 33.21 4.40 0.48
CA ALA B 515 32.67 4.99 1.70
C ALA B 515 32.52 6.51 1.58
N CYS B 516 33.48 7.20 0.96
CA CYS B 516 33.50 8.66 1.07
C CYS B 516 33.76 9.33 -0.27
N GLY B 517 33.23 8.77 -1.35
CA GLY B 517 33.32 9.47 -2.62
C GLY B 517 34.70 9.34 -3.25
N PHE B 518 34.93 10.17 -4.28
CA PHE B 518 36.16 10.08 -5.04
C PHE B 518 37.27 10.95 -4.47
N GLU B 519 36.97 12.22 -4.17
CA GLU B 519 37.98 13.17 -3.74
C GLU B 519 38.57 12.84 -2.37
N TYR B 520 37.93 11.95 -1.60
CA TYR B 520 38.49 11.55 -0.32
C TYR B 520 39.81 10.80 -0.50
N THR B 521 39.87 9.90 -1.49
CA THR B 521 41.05 9.09 -1.73
C THR B 521 41.63 9.32 -3.12
N SER B 522 41.25 10.42 -3.79
CA SER B 522 41.90 10.77 -5.04
C SER B 522 43.40 11.01 -4.83
N LYS B 523 43.77 11.57 -3.68
CA LYS B 523 45.17 11.76 -3.36
C LYS B 523 45.89 10.42 -3.25
N LEU B 524 45.26 9.42 -2.62
CA LEU B 524 45.90 8.11 -2.51
C LEU B 524 45.95 7.40 -3.86
N GLN B 525 44.91 7.55 -4.68
CA GLN B 525 44.92 6.95 -6.02
C GLN B 525 46.03 7.56 -6.88
N ARG B 526 46.20 8.88 -6.82
CA ARG B 526 47.31 9.48 -7.54
C ARG B 526 48.65 9.16 -6.89
N MET B 527 48.67 8.83 -5.60
CA MET B 527 49.89 8.31 -4.99
C MET B 527 50.29 6.98 -5.60
N PHE B 528 49.32 6.07 -5.78
CA PHE B 528 49.61 4.80 -6.43
C PHE B 528 50.04 4.99 -7.89
N GLN B 529 49.35 5.86 -8.62
CA GLN B 529 49.76 6.07 -10.00
C GLN B 529 51.14 6.74 -10.08
N ASP B 530 51.48 7.56 -9.09
CA ASP B 530 52.79 8.18 -9.06
C ASP B 530 53.88 7.17 -8.73
N ILE B 531 53.60 6.23 -7.83
CA ILE B 531 54.63 5.23 -7.53
C ILE B 531 54.78 4.27 -8.70
N GLY B 532 53.70 4.00 -9.45
CA GLY B 532 53.84 3.23 -10.68
C GLY B 532 54.67 3.97 -11.73
N VAL B 533 54.42 5.27 -11.87
CA VAL B 533 55.20 6.08 -12.80
C VAL B 533 56.66 6.13 -12.37
N SER B 534 56.91 6.18 -11.07
CA SER B 534 58.28 6.18 -10.56
C SER B 534 58.97 4.84 -10.83
N LYS B 535 58.24 3.74 -10.70
CA LYS B 535 58.80 2.43 -11.04
C LYS B 535 59.15 2.37 -12.52
N ASP B 536 58.25 2.86 -13.38
CA ASP B 536 58.54 2.89 -14.81
C ASP B 536 59.70 3.81 -15.14
N LEU B 537 59.83 4.91 -14.41
CA LEU B 537 60.94 5.83 -14.63
C LEU B 537 62.26 5.20 -14.21
N ASN B 538 62.24 4.42 -13.13
CA ASN B 538 63.45 3.69 -12.73
C ASN B 538 63.81 2.64 -13.77
N GLU B 539 62.81 1.98 -14.35
CA GLU B 539 63.08 1.03 -15.43
C GLU B 539 63.69 1.74 -16.64
N GLN B 540 63.16 2.90 -17.00
CA GLN B 540 63.72 3.67 -18.10
C GLN B 540 65.14 4.12 -17.79
N PHE B 541 65.39 4.53 -16.55
CA PHE B 541 66.73 4.96 -16.16
C PHE B 541 67.73 3.81 -16.23
N LYS B 542 67.35 2.63 -15.74
CA LYS B 542 68.26 1.51 -15.81
C LYS B 542 68.48 1.04 -17.24
N LYS B 543 67.44 1.10 -18.08
CA LYS B 543 67.63 0.76 -19.49
C LYS B 543 68.57 1.74 -20.18
N HIS B 544 68.40 3.04 -19.91
CA HIS B 544 69.27 4.05 -20.50
C HIS B 544 70.71 3.88 -20.02
N LEU B 545 70.91 3.61 -18.73
CA LEU B 545 72.27 3.49 -18.21
C LEU B 545 72.93 2.18 -18.65
N THR B 546 72.15 1.13 -18.91
CA THR B 546 72.72 -0.04 -19.55
C THR B 546 73.11 0.27 -20.99
N ASN B 547 72.29 1.06 -21.69
CA ASN B 547 72.64 1.49 -23.03
C ASN B 547 73.81 2.47 -23.02
N SER B 548 73.84 3.37 -22.04
CA SER B 548 74.89 4.37 -21.93
C SER B 548 76.02 3.83 -21.05
N GLU B 549 76.93 4.73 -20.64
CA GLU B 549 78.05 4.34 -19.80
C GLU B 549 77.56 3.90 -18.42
N PRO B 550 78.16 2.87 -17.83
CA PRO B 550 77.68 2.35 -16.54
C PRO B 550 78.02 3.28 -15.39
N LEU B 551 77.15 3.30 -14.39
CA LEU B 551 77.35 4.10 -13.19
C LEU B 551 78.12 3.28 -12.16
N ASP B 552 78.19 3.79 -10.92
CA ASP B 552 78.92 3.13 -9.85
C ASP B 552 78.03 2.47 -8.82
N LEU B 553 76.75 2.84 -8.75
CA LEU B 553 75.85 2.33 -7.73
C LEU B 553 74.54 1.88 -8.38
N ASP B 554 73.83 1.01 -7.66
CA ASP B 554 72.48 0.63 -8.05
C ASP B 554 71.53 1.75 -7.65
N PHE B 555 71.01 2.47 -8.62
CA PHE B 555 70.23 3.67 -8.37
C PHE B 555 68.75 3.36 -8.55
N SER B 556 67.97 3.50 -7.49
CA SER B 556 66.58 3.05 -7.42
C SER B 556 65.68 4.19 -6.93
N ILE B 557 65.80 5.35 -7.58
CA ILE B 557 65.06 6.53 -7.16
C ILE B 557 63.56 6.30 -7.28
N GLN B 558 62.81 6.87 -6.34
CA GLN B 558 61.35 6.88 -6.38
C GLN B 558 60.90 8.32 -6.53
N VAL B 559 60.53 8.71 -7.75
CA VAL B 559 60.03 10.04 -8.00
C VAL B 559 58.70 10.22 -7.28
N LEU B 560 58.47 11.41 -6.74
CA LEU B 560 57.34 11.64 -5.86
C LEU B 560 56.63 12.90 -6.29
N SER B 561 55.33 12.98 -6.01
CA SER B 561 54.54 14.16 -6.36
C SER B 561 54.60 15.20 -5.24
N SER B 562 54.82 16.45 -5.63
CA SER B 562 55.01 17.52 -4.64
C SER B 562 53.72 17.94 -3.95
N GLY B 563 52.56 17.67 -4.56
CA GLY B 563 51.32 18.15 -3.99
C GLY B 563 50.57 17.11 -3.18
N SER B 564 50.46 15.89 -3.71
CA SER B 564 49.64 14.87 -3.08
C SER B 564 50.28 14.34 -1.81
N TRP B 565 51.57 14.03 -1.87
CA TRP B 565 52.22 13.35 -0.75
C TRP B 565 52.48 14.33 0.39
N PRO B 566 52.04 14.03 1.60
CA PRO B 566 52.36 14.89 2.75
C PRO B 566 53.81 14.69 3.17
N PHE B 567 54.65 15.69 2.89
CA PHE B 567 56.06 15.58 3.22
C PHE B 567 56.63 16.98 3.44
N GLN B 568 57.73 17.03 4.19
CA GLN B 568 58.43 18.27 4.48
C GLN B 568 59.88 18.15 4.03
N GLN B 569 60.38 19.21 3.38
CA GLN B 569 61.77 19.22 2.93
C GLN B 569 62.68 19.50 4.11
N SER B 570 63.74 18.70 4.23
CA SER B 570 64.70 18.85 5.32
C SER B 570 65.70 19.95 4.98
N CYS B 571 66.78 20.02 5.75
CA CYS B 571 67.80 21.03 5.53
C CYS B 571 68.60 20.72 4.27
N THR B 572 69.56 21.59 3.96
CA THR B 572 70.40 21.41 2.79
C THR B 572 71.38 20.26 3.02
N PHE B 573 72.19 19.98 2.00
CA PHE B 573 73.03 18.79 2.04
C PHE B 573 74.26 19.01 1.17
N ALA B 574 75.36 18.38 1.58
CA ALA B 574 76.59 18.36 0.80
C ALA B 574 76.67 17.00 0.09
N LEU B 575 76.30 16.98 -1.17
CA LEU B 575 76.28 15.74 -1.92
C LEU B 575 77.71 15.24 -2.16
N PRO B 576 77.95 13.94 -1.95
CA PRO B 576 79.26 13.38 -2.28
C PRO B 576 79.58 13.50 -3.76
N SER B 577 80.88 13.61 -4.06
CA SER B 577 81.32 13.79 -5.43
C SER B 577 80.94 12.60 -6.30
N GLU B 578 81.12 11.39 -5.79
CA GLU B 578 80.68 10.21 -6.55
C GLU B 578 79.16 10.13 -6.62
N LEU B 579 78.46 10.65 -5.61
CA LEU B 579 77.02 10.75 -5.68
C LEU B 579 76.58 11.88 -6.59
N GLU B 580 77.35 12.98 -6.63
CA GLU B 580 77.06 14.06 -7.57
C GLU B 580 77.26 13.61 -9.01
N ARG B 581 78.22 12.70 -9.25
CA ARG B 581 78.44 12.21 -10.60
C ARG B 581 77.25 11.42 -11.12
N SER B 582 76.46 10.82 -10.23
CA SER B 582 75.23 10.15 -10.64
C SER B 582 74.02 11.08 -10.59
N TYR B 583 74.04 12.07 -9.69
CA TYR B 583 72.97 13.07 -9.67
C TYR B 583 72.96 13.87 -10.96
N GLN B 584 74.13 14.24 -11.47
CA GLN B 584 74.19 14.99 -12.73
C GLN B 584 73.71 14.12 -13.89
N ARG B 585 74.02 12.83 -13.86
CA ARG B 585 73.50 11.92 -14.88
C ARG B 585 71.99 11.83 -14.81
N PHE B 586 71.43 11.80 -13.60
CA PHE B 586 69.98 11.79 -13.48
C PHE B 586 69.36 13.11 -13.93
N THR B 587 70.05 14.23 -13.69
CA THR B 587 69.53 15.50 -14.19
C THR B 587 69.52 15.54 -15.71
N ALA B 588 70.57 15.04 -16.35
CA ALA B 588 70.58 14.92 -17.80
C ALA B 588 69.47 13.98 -18.27
N PHE B 589 69.23 12.91 -17.50
CA PHE B 589 68.18 11.95 -17.86
C PHE B 589 66.81 12.61 -17.85
N TYR B 590 66.46 13.29 -16.75
CA TYR B 590 65.15 13.92 -16.72
C TYR B 590 65.06 15.14 -17.63
N ALA B 591 66.18 15.79 -17.95
CA ALA B 591 66.15 16.84 -18.95
C ALA B 591 65.82 16.25 -20.33
N SER B 592 66.38 15.08 -20.63
CA SER B 592 66.06 14.42 -21.90
C SER B 592 64.62 13.93 -21.92
N ARG B 593 64.12 13.40 -20.81
CA ARG B 593 62.79 12.78 -20.80
C ARG B 593 61.69 13.83 -20.72
N HIS B 594 61.77 14.74 -19.76
CA HIS B 594 60.70 15.71 -19.52
C HIS B 594 61.33 16.95 -18.89
N SER B 595 61.52 17.99 -19.69
CA SER B 595 62.10 19.24 -19.20
C SER B 595 61.10 20.12 -18.48
N GLY B 596 59.83 19.76 -18.46
CA GLY B 596 58.79 20.53 -17.81
C GLY B 596 58.57 20.23 -16.34
N ARG B 597 59.44 19.46 -15.72
CA ARG B 597 59.32 19.10 -14.31
C ARG B 597 60.58 19.49 -13.56
N LYS B 598 60.42 19.80 -12.28
CA LYS B 598 61.52 20.14 -11.39
C LYS B 598 61.49 19.25 -10.17
N LEU B 599 62.65 19.05 -9.55
CA LEU B 599 62.79 18.15 -8.43
C LEU B 599 63.43 18.87 -7.25
N THR B 600 63.07 18.44 -6.04
CA THR B 600 63.60 19.03 -4.82
C THR B 600 64.65 18.17 -4.13
N TRP B 601 64.52 16.85 -4.19
CA TRP B 601 65.49 15.89 -3.64
C TRP B 601 65.70 16.09 -2.14
N LEU B 602 64.64 15.87 -1.38
CA LEU B 602 64.79 15.82 0.08
C LEU B 602 65.46 14.51 0.47
N TYR B 603 66.36 14.59 1.45
CA TYR B 603 67.15 13.44 1.85
C TYR B 603 66.79 12.92 3.24
N GLN B 604 65.64 13.35 3.77
CA GLN B 604 65.20 12.83 5.06
C GLN B 604 64.88 11.34 4.98
N LEU B 605 64.27 10.91 3.88
CA LEU B 605 63.89 9.52 3.67
C LEU B 605 64.61 9.02 2.43
N SER B 606 65.87 8.60 2.61
CA SER B 606 66.65 8.06 1.50
C SER B 606 67.75 7.18 2.10
N LYS B 607 67.59 5.87 1.96
CA LYS B 607 68.52 4.92 2.55
C LYS B 607 69.40 4.29 1.48
N GLY B 608 70.36 3.49 1.93
CA GLY B 608 71.28 2.82 1.04
C GLY B 608 72.44 2.18 1.78
N GLU B 609 72.94 1.07 1.27
CA GLU B 609 74.04 0.35 1.91
C GLU B 609 75.37 0.75 1.29
N LEU B 610 76.36 0.97 2.16
CA LEU B 610 77.69 1.42 1.78
C LEU B 610 78.73 0.45 2.31
N VAL B 611 79.78 0.22 1.50
CA VAL B 611 80.85 -0.66 1.96
C VAL B 611 81.66 0.03 3.05
N THR B 612 82.40 -0.79 3.80
CA THR B 612 82.97 -0.40 5.09
C THR B 612 84.43 -0.85 5.17
N ASN B 613 85.21 -0.44 4.15
CA ASN B 613 86.58 -0.93 4.02
C ASN B 613 87.46 -0.55 5.21
N CYS B 614 87.22 0.59 5.84
CA CYS B 614 88.09 1.04 6.93
C CYS B 614 87.71 0.41 8.27
N PHE B 615 87.53 -0.90 8.27
CA PHE B 615 87.16 -1.69 9.44
C PHE B 615 87.65 -3.12 9.25
N LYS B 616 87.11 -4.05 10.04
CA LYS B 616 87.58 -5.43 10.03
C LYS B 616 87.35 -6.09 8.67
N ASN B 617 86.18 -5.88 8.07
CA ASN B 617 85.87 -6.50 6.79
C ASN B 617 84.80 -5.66 6.09
N ARG B 618 84.23 -6.23 5.02
CA ARG B 618 83.22 -5.55 4.22
C ARG B 618 81.88 -5.64 4.94
N TYR B 619 81.40 -4.51 5.46
CA TYR B 619 80.09 -4.44 6.10
C TYR B 619 79.16 -3.65 5.17
N THR B 620 78.02 -4.25 4.83
CA THR B 620 77.04 -3.64 3.93
C THR B 620 75.86 -3.05 4.71
N LEU B 621 76.14 -2.45 5.86
CA LEU B 621 75.10 -1.84 6.66
C LEU B 621 74.50 -0.63 5.94
N GLN B 622 73.21 -0.43 6.12
CA GLN B 622 72.48 0.67 5.49
C GLN B 622 71.99 1.63 6.55
N ALA B 623 71.86 2.90 6.17
CA ALA B 623 71.53 3.95 7.11
C ALA B 623 70.90 5.11 6.33
N SER B 624 70.73 6.25 7.01
CA SER B 624 70.14 7.42 6.38
C SER B 624 71.20 8.23 5.67
N THR B 625 70.75 9.15 4.80
CA THR B 625 71.66 9.91 3.95
C THR B 625 72.60 10.78 4.78
N PHE B 626 72.09 11.33 5.89
CA PHE B 626 72.95 12.09 6.80
C PHE B 626 74.02 11.18 7.40
N GLN B 627 73.66 9.93 7.73
CA GLN B 627 74.64 9.00 8.26
C GLN B 627 75.69 8.65 7.23
N MET B 628 75.27 8.47 5.97
CA MET B 628 76.25 8.21 4.91
C MET B 628 77.18 9.40 4.70
N ALA B 629 76.64 10.63 4.79
CA ALA B 629 77.48 11.81 4.68
C ALA B 629 78.50 11.87 5.83
N ILE B 630 78.05 11.56 7.05
CA ILE B 630 78.95 11.58 8.20
C ILE B 630 80.03 10.52 8.04
N LEU B 631 79.65 9.32 7.60
CA LEU B 631 80.62 8.25 7.39
C LEU B 631 81.62 8.59 6.30
N LEU B 632 81.18 9.25 5.22
CA LEU B 632 82.12 9.65 4.18
C LEU B 632 83.05 10.75 4.67
N GLN B 633 82.52 11.70 5.44
CA GLN B 633 83.36 12.75 6.02
C GLN B 633 84.41 12.15 6.94
N TYR B 634 84.05 11.10 7.68
CA TYR B 634 85.04 10.44 8.52
C TYR B 634 86.00 9.59 7.70
N ASN B 635 85.55 9.08 6.55
CA ASN B 635 86.47 8.40 5.65
C ASN B 635 87.53 9.36 5.12
N THR B 636 87.13 10.61 4.85
CA THR B 636 88.11 11.63 4.48
C THR B 636 89.06 11.93 5.64
N GLU B 637 88.53 12.06 6.85
CA GLU B 637 89.35 12.36 8.03
C GLU B 637 88.61 11.87 9.26
N ASP B 638 89.24 10.99 10.03
CA ASP B 638 88.57 10.30 11.14
C ASP B 638 88.61 11.10 12.44
N ALA B 639 88.27 12.39 12.36
CA ALA B 639 88.13 13.23 13.55
C ALA B 639 87.33 14.47 13.15
N TYR B 640 86.10 14.59 13.65
CA TYR B 640 85.26 15.71 13.24
C TYR B 640 84.52 16.26 14.44
N THR B 641 84.43 17.58 14.52
CA THR B 641 83.62 18.21 15.54
C THR B 641 82.21 18.44 15.02
N VAL B 642 81.30 18.76 15.94
CA VAL B 642 79.90 19.00 15.57
C VAL B 642 79.80 20.24 14.68
N GLN B 643 80.55 21.29 15.01
CA GLN B 643 80.58 22.46 14.16
C GLN B 643 81.20 22.16 12.80
N GLN B 644 82.22 21.29 12.78
CA GLN B 644 82.82 20.89 11.51
C GLN B 644 81.81 20.14 10.64
N LEU B 645 81.05 19.23 11.25
CA LEU B 645 80.01 18.52 10.50
C LEU B 645 78.93 19.49 10.02
N THR B 646 78.60 20.50 10.84
CA THR B 646 77.61 21.48 10.46
C THR B 646 78.05 22.30 9.26
N ASP B 647 79.31 22.75 9.25
CA ASP B 647 79.77 23.55 8.12
C ASP B 647 80.06 22.69 6.89
N SER B 648 80.38 21.42 7.08
CA SER B 648 80.65 20.55 5.94
C SER B 648 79.36 20.07 5.28
N THR B 649 78.49 19.41 6.05
CA THR B 649 77.28 18.81 5.51
C THR B 649 76.15 19.80 5.30
N GLN B 650 76.25 21.00 5.89
CA GLN B 650 75.22 22.05 5.80
C GLN B 650 73.87 21.53 6.30
N ILE B 651 73.88 21.06 7.55
CA ILE B 651 72.70 20.49 8.20
C ILE B 651 72.42 21.32 9.45
N LYS B 652 71.16 21.71 9.63
CA LYS B 652 70.79 22.52 10.78
C LYS B 652 70.94 21.73 12.07
N MET B 653 70.97 22.47 13.18
CA MET B 653 71.47 21.94 14.44
C MET B 653 70.60 20.82 15.01
N ASP B 654 69.28 20.95 14.93
CA ASP B 654 68.40 20.00 15.61
C ASP B 654 68.48 18.61 15.00
N ILE B 655 68.31 18.51 13.68
CA ILE B 655 68.34 17.20 13.04
C ILE B 655 69.74 16.62 13.03
N LEU B 656 70.77 17.48 12.96
CA LEU B 656 72.14 17.00 13.06
C LEU B 656 72.40 16.41 14.44
N ALA B 657 71.89 17.07 15.49
CA ALA B 657 72.02 16.53 16.84
C ALA B 657 71.28 15.21 16.98
N GLN B 658 70.08 15.12 16.38
CA GLN B 658 69.31 13.88 16.43
C GLN B 658 70.04 12.73 15.72
N VAL B 659 70.58 12.99 14.53
CA VAL B 659 71.25 11.92 13.81
C VAL B 659 72.56 11.55 14.48
N LEU B 660 73.24 12.52 15.10
CA LEU B 660 74.47 12.21 15.83
C LEU B 660 74.17 11.38 17.07
N GLN B 661 73.09 11.72 17.80
CA GLN B 661 72.78 10.96 19.00
C GLN B 661 72.26 9.56 18.67
N ILE B 662 71.56 9.40 17.54
CA ILE B 662 71.18 8.03 17.18
C ILE B 662 72.38 7.25 16.64
N LEU B 663 73.38 7.93 16.06
CA LEU B 663 74.62 7.25 15.69
C LEU B 663 75.35 6.77 16.94
N LEU B 664 75.43 7.61 17.96
CA LEU B 664 76.04 7.19 19.22
C LEU B 664 75.22 6.11 19.92
N LYS B 665 73.90 6.12 19.76
CA LYS B 665 73.09 5.03 20.28
C LYS B 665 73.36 3.73 19.52
N SER B 666 73.65 3.84 18.21
CA SER B 666 74.01 2.67 17.43
C SER B 666 75.40 2.16 17.76
N LYS B 667 76.21 2.95 18.46
CA LYS B 667 77.55 2.58 18.93
C LYS B 667 78.50 2.23 17.78
N LEU B 668 78.26 2.82 16.60
CA LEU B 668 79.20 2.66 15.50
C LEU B 668 80.47 3.50 15.68
N LEU B 669 80.39 4.58 16.45
CA LEU B 669 81.53 5.45 16.67
C LEU B 669 81.39 6.09 18.05
N VAL B 670 82.52 6.53 18.59
CA VAL B 670 82.60 6.93 19.99
C VAL B 670 82.95 8.42 20.06
N LEU B 671 82.62 9.03 21.20
CA LEU B 671 82.99 10.42 21.46
C LEU B 671 84.50 10.53 21.65
N GLU B 672 84.98 11.77 21.76
CA GLU B 672 86.40 12.00 21.99
C GLU B 672 86.87 11.42 23.32
N ASP B 673 85.98 11.38 24.31
CA ASP B 673 86.28 10.77 25.60
C ASP B 673 85.37 9.56 25.78
N GLU B 674 85.98 8.39 26.01
CA GLU B 674 85.20 7.17 26.23
C GLU B 674 84.42 7.25 27.54
N ASN B 675 85.02 7.81 28.59
CA ASN B 675 84.36 7.93 29.88
C ASN B 675 83.21 8.93 29.85
N ALA B 676 83.14 9.78 28.84
CA ALA B 676 82.07 10.76 28.75
C ALA B 676 80.74 10.08 28.42
N ASN B 677 79.65 10.81 28.66
CA ASN B 677 78.32 10.28 28.43
C ASN B 677 78.07 10.10 26.93
N VAL B 678 77.16 9.18 26.61
CA VAL B 678 76.82 8.86 25.23
C VAL B 678 75.33 9.07 25.00
N ASP B 679 74.51 8.42 25.83
CA ASP B 679 73.06 8.48 25.67
C ASP B 679 72.41 9.67 26.35
N GLU B 680 73.18 10.48 27.09
CA GLU B 680 72.61 11.59 27.84
C GLU B 680 73.48 12.83 27.73
N VAL B 681 74.20 12.99 26.63
CA VAL B 681 75.11 14.12 26.43
C VAL B 681 74.53 15.05 25.37
N GLU B 682 74.61 16.35 25.63
CA GLU B 682 74.22 17.37 24.66
C GLU B 682 75.47 17.78 23.89
N LEU B 683 75.51 17.43 22.61
CA LEU B 683 76.73 17.62 21.81
C LEU B 683 76.85 19.08 21.41
N LYS B 684 77.77 19.79 22.04
CA LYS B 684 78.06 21.17 21.67
C LYS B 684 78.78 21.21 20.33
N PRO B 685 78.74 22.36 19.63
CA PRO B 685 79.43 22.44 18.33
C PRO B 685 80.93 22.16 18.39
N ASP B 686 81.60 22.52 19.49
CA ASP B 686 83.02 22.26 19.60
C ASP B 686 83.35 20.85 20.06
N THR B 687 82.34 20.03 20.36
CA THR B 687 82.59 18.67 20.81
C THR B 687 83.12 17.81 19.65
N LEU B 688 84.26 17.17 19.87
CA LEU B 688 84.90 16.35 18.85
C LEU B 688 84.44 14.92 18.97
N ILE B 689 84.30 14.25 17.82
CA ILE B 689 83.95 12.84 17.75
C ILE B 689 84.93 12.15 16.82
N LYS B 690 85.45 11.01 17.25
CA LYS B 690 86.40 10.22 16.46
C LYS B 690 85.77 8.87 16.15
N LEU B 691 85.93 8.42 14.92
CA LEU B 691 85.36 7.14 14.50
C LEU B 691 86.03 6.00 15.27
N TYR B 692 85.23 5.14 15.89
CA TYR B 692 85.75 4.04 16.69
C TYR B 692 86.05 2.87 15.76
N LEU B 693 87.31 2.77 15.33
CA LEU B 693 87.71 1.70 14.41
C LEU B 693 87.69 0.33 15.08
N GLY B 694 87.69 0.27 16.40
CA GLY B 694 87.66 -0.99 17.11
C GLY B 694 86.31 -1.63 17.25
N TYR B 695 85.24 -0.98 16.78
CA TYR B 695 83.91 -1.56 16.88
C TYR B 695 83.75 -2.73 15.92
N LYS B 696 83.02 -3.74 16.38
CA LYS B 696 82.74 -4.93 15.57
C LYS B 696 81.25 -5.08 15.39
N ASN B 697 80.84 -5.42 14.17
CA ASN B 697 79.43 -5.60 13.82
C ASN B 697 79.11 -7.08 13.74
N LYS B 698 78.00 -7.48 14.36
CA LYS B 698 77.61 -8.88 14.38
C LYS B 698 77.12 -9.37 13.02
N LYS B 699 76.67 -8.46 12.15
CA LYS B 699 76.15 -8.81 10.84
C LYS B 699 76.77 -7.93 9.77
N LEU B 700 76.86 -8.46 8.56
CA LEU B 700 77.38 -7.68 7.44
C LEU B 700 76.44 -6.56 7.05
N ARG B 701 75.13 -6.76 7.17
CA ARG B 701 74.12 -5.76 6.86
C ARG B 701 73.40 -5.40 8.14
N VAL B 702 73.58 -4.17 8.62
CA VAL B 702 73.01 -3.70 9.87
C VAL B 702 72.12 -2.51 9.59
N ASN B 703 70.90 -2.54 10.13
CA ASN B 703 69.95 -1.46 9.96
C ASN B 703 70.03 -0.50 11.13
N ILE B 704 70.16 0.79 10.81
CA ILE B 704 70.19 1.84 11.82
C ILE B 704 68.94 2.70 11.78
N ASN B 705 68.22 2.74 10.66
CA ASN B 705 67.09 3.65 10.47
C ASN B 705 65.93 3.19 11.35
N VAL B 706 65.95 3.64 12.60
CA VAL B 706 64.86 3.41 13.53
C VAL B 706 64.35 4.77 13.99
N PRO B 707 63.05 4.92 14.23
CA PRO B 707 62.53 6.22 14.68
C PRO B 707 62.95 6.56 16.10
N MET B 708 63.03 7.85 16.37
CA MET B 708 63.24 8.36 17.71
C MET B 708 61.90 8.82 18.29
N LYS B 709 61.76 8.64 19.61
CA LYS B 709 60.50 8.99 20.26
C LYS B 709 60.21 10.49 20.16
N THR B 710 61.26 11.32 20.30
CA THR B 710 61.08 12.76 20.21
C THR B 710 60.59 13.18 18.83
N GLU B 711 61.22 12.66 17.78
CA GLU B 711 60.77 13.00 16.44
C GLU B 711 59.45 12.32 16.10
N GLN B 712 59.16 11.19 16.75
CA GLN B 712 57.84 10.57 16.60
C GLN B 712 56.74 11.50 17.11
N LYS B 713 56.92 12.02 18.32
CA LYS B 713 55.94 12.95 18.88
C LYS B 713 55.89 14.24 18.09
N GLN B 714 57.05 14.71 17.60
CA GLN B 714 57.09 15.90 16.77
C GLN B 714 56.32 15.70 15.47
N GLU B 715 56.47 14.53 14.84
CA GLU B 715 55.73 14.23 13.63
C GLU B 715 54.24 14.12 13.90
N GLN B 716 53.86 13.53 15.03
CA GLN B 716 52.44 13.43 15.36
C GLN B 716 51.81 14.79 15.58
N GLU B 717 52.48 15.68 16.33
CA GLU B 717 51.93 17.01 16.53
C GLU B 717 51.99 17.85 15.28
N THR B 718 52.98 17.60 14.40
CA THR B 718 53.01 18.26 13.10
C THR B 718 51.82 17.84 12.25
N THR B 719 51.46 16.56 12.29
CA THR B 719 50.29 16.09 11.57
C THR B 719 49.02 16.69 12.14
N HIS B 720 48.96 16.83 13.47
CA HIS B 720 47.81 17.48 14.08
C HIS B 720 47.70 18.95 13.64
N LYS B 721 48.82 19.66 13.59
CA LYS B 721 48.79 21.04 13.13
C LYS B 721 48.40 21.11 11.65
N ASN B 722 48.89 20.17 10.84
CA ASN B 722 48.56 20.17 9.42
C ASN B 722 47.07 19.91 9.20
N ILE B 723 46.48 18.96 9.94
CA ILE B 723 45.06 18.72 9.78
C ILE B 723 44.24 19.87 10.37
N GLU B 724 44.78 20.57 11.38
CA GLU B 724 44.10 21.75 11.88
C GLU B 724 44.04 22.84 10.81
N GLU B 725 45.16 23.08 10.13
CA GLU B 725 45.16 24.10 9.08
C GLU B 725 44.35 23.66 7.86
N ASP B 726 44.33 22.35 7.57
CA ASP B 726 43.47 21.85 6.51
C ASP B 726 42.00 22.02 6.86
N ARG B 727 41.66 21.81 8.13
CA ARG B 727 40.31 22.06 8.62
C ARG B 727 39.93 23.52 8.45
N LYS B 728 40.85 24.43 8.77
CA LYS B 728 40.61 25.85 8.63
C LYS B 728 40.39 26.23 7.16
N LEU B 729 41.24 25.73 6.27
CA LEU B 729 41.09 26.02 4.85
C LEU B 729 39.79 25.44 4.29
N LEU B 730 39.44 24.22 4.71
CA LEU B 730 38.23 23.59 4.21
C LEU B 730 36.98 24.34 4.68
N ILE B 731 36.95 24.76 5.95
CA ILE B 731 35.77 25.50 6.42
C ILE B 731 35.73 26.89 5.79
N GLN B 732 36.89 27.49 5.51
CA GLN B 732 36.90 28.78 4.81
C GLN B 732 36.31 28.65 3.42
N ALA B 733 36.77 27.65 2.65
CA ALA B 733 36.25 27.44 1.31
C ALA B 733 34.78 27.05 1.33
N ALA B 734 34.37 26.29 2.34
CA ALA B 734 32.98 25.87 2.45
C ALA B 734 32.06 27.04 2.74
N ILE B 735 32.44 27.92 3.67
CA ILE B 735 31.62 29.09 3.94
C ILE B 735 31.62 30.04 2.75
N VAL B 736 32.74 30.14 2.03
CA VAL B 736 32.76 30.96 0.81
C VAL B 736 31.79 30.39 -0.22
N ARG B 737 31.77 29.07 -0.39
CA ARG B 737 30.87 28.46 -1.37
C ARG B 737 29.41 28.53 -0.93
N ILE B 738 29.16 28.56 0.38
CA ILE B 738 27.78 28.56 0.87
C ILE B 738 27.19 29.96 0.85
N MET B 739 27.94 30.94 1.37
CA MET B 739 27.42 32.31 1.49
C MET B 739 27.13 32.96 0.14
N LYS B 740 27.78 32.51 -0.93
CA LYS B 740 27.42 33.03 -2.25
C LYS B 740 26.08 32.51 -2.73
N MET B 741 25.63 31.35 -2.21
CA MET B 741 24.35 30.80 -2.61
C MET B 741 23.19 31.58 -1.96
N ARG B 742 23.30 31.89 -0.68
CA ARG B 742 22.21 32.49 0.08
C ARG B 742 22.30 34.01 0.14
N LYS B 743 23.47 34.54 0.48
CA LYS B 743 23.81 35.97 0.55
C LYS B 743 23.08 36.74 1.65
N VAL B 744 22.17 36.10 2.39
CA VAL B 744 21.35 36.80 3.36
C VAL B 744 21.35 36.01 4.67
N LEU B 745 21.89 34.79 4.62
CA LEU B 745 21.79 33.88 5.76
C LEU B 745 22.55 34.40 6.97
N LYS B 746 21.95 34.24 8.14
CA LYS B 746 22.52 34.72 9.39
C LYS B 746 23.50 33.68 9.97
N HIS B 747 24.25 34.14 10.98
CA HIS B 747 25.48 33.46 11.38
C HIS B 747 25.21 32.08 11.97
N GLN B 748 24.23 31.97 12.88
CA GLN B 748 23.93 30.66 13.47
C GLN B 748 23.34 29.72 12.42
N GLN B 749 22.49 30.24 11.54
CA GLN B 749 21.98 29.43 10.43
C GLN B 749 23.12 29.03 9.49
N LEU B 750 24.09 29.94 9.28
CA LEU B 750 25.23 29.62 8.44
C LEU B 750 26.05 28.48 9.02
N LEU B 751 26.32 28.52 10.33
CA LEU B 751 27.10 27.45 10.94
C LEU B 751 26.31 26.15 10.99
N GLY B 752 24.99 26.22 11.18
CA GLY B 752 24.18 25.01 11.09
C GLY B 752 24.21 24.39 9.71
N GLU B 753 24.11 25.22 8.67
CA GLU B 753 24.19 24.72 7.30
C GLU B 753 25.57 24.12 7.02
N VAL B 754 26.63 24.75 7.54
CA VAL B 754 27.98 24.22 7.40
C VAL B 754 28.08 22.85 8.06
N LEU B 755 27.51 22.72 9.27
CA LEU B 755 27.51 21.44 9.97
C LEU B 755 26.79 20.38 9.17
N THR B 756 25.64 20.73 8.58
CA THR B 756 24.89 19.77 7.78
C THR B 756 25.67 19.34 6.55
N GLN B 757 26.34 20.28 5.87
CA GLN B 757 26.97 19.92 4.61
C GLN B 757 28.30 19.19 4.80
N LEU B 758 29.08 19.51 5.84
CA LEU B 758 30.34 18.82 6.05
C LEU B 758 30.29 17.86 7.23
N SER B 759 29.10 17.47 7.68
CA SER B 759 29.00 16.46 8.74
C SER B 759 29.56 15.12 8.28
N SER B 760 29.56 14.87 6.97
CA SER B 760 30.15 13.65 6.44
C SER B 760 31.67 13.68 6.48
N ARG B 761 32.28 14.81 6.80
CA ARG B 761 33.73 14.93 6.87
C ARG B 761 34.24 15.08 8.30
N PHE B 762 33.69 16.02 9.07
CA PHE B 762 34.08 16.21 10.45
C PHE B 762 32.99 17.01 11.16
N LYS B 763 33.26 17.40 12.40
CA LYS B 763 32.38 18.27 13.17
C LYS B 763 33.26 19.32 13.85
N PRO B 764 33.33 20.53 13.31
CA PRO B 764 34.25 21.53 13.84
C PRO B 764 33.79 22.07 15.18
N ARG B 765 34.75 22.52 15.97
CA ARG B 765 34.47 23.20 17.22
C ARG B 765 34.12 24.66 16.94
N VAL B 766 33.24 25.22 17.76
CA VAL B 766 32.76 26.58 17.53
C VAL B 766 33.82 27.68 17.71
N PRO B 767 34.89 27.54 18.53
CA PRO B 767 35.97 28.54 18.41
C PRO B 767 36.64 28.53 17.05
N VAL B 768 36.78 27.36 16.44
CA VAL B 768 37.33 27.29 15.09
C VAL B 768 36.37 27.95 14.09
N ILE B 769 35.06 27.80 14.30
CA ILE B 769 34.08 28.45 13.46
C ILE B 769 34.19 29.97 13.58
N LYS B 770 34.33 30.48 14.81
CA LYS B 770 34.48 31.91 15.00
C LYS B 770 35.78 32.43 14.39
N LYS B 771 36.87 31.66 14.52
CA LYS B 771 38.14 32.06 13.93
C LYS B 771 38.06 32.11 12.42
N CYS B 772 37.39 31.12 11.81
CA CYS B 772 37.21 31.15 10.35
C CYS B 772 36.33 32.32 9.93
N ILE B 773 35.31 32.64 10.74
CA ILE B 773 34.46 33.79 10.46
C ILE B 773 35.28 35.08 10.46
N ASP B 774 36.14 35.23 11.47
CA ASP B 774 37.01 36.41 11.53
C ASP B 774 37.98 36.44 10.34
N ILE B 775 38.53 35.27 9.96
CA ILE B 775 39.46 35.21 8.84
C ILE B 775 38.77 35.66 7.56
N LEU B 776 37.54 35.19 7.33
CA LEU B 776 36.84 35.60 6.12
C LEU B 776 36.33 37.04 6.20
N ILE B 777 36.17 37.60 7.42
CA ILE B 777 35.81 39.00 7.53
C ILE B 777 36.97 39.90 7.13
N GLU B 778 38.15 39.70 7.74
CA GLU B 778 39.31 40.47 7.33
C GLU B 778 40.04 39.91 6.10
N LYS B 779 39.45 38.96 5.38
CA LYS B 779 39.88 38.67 4.01
C LYS B 779 39.07 39.43 2.97
N GLU B 780 38.06 40.18 3.39
CA GLU B 780 37.27 41.09 2.54
C GLU B 780 36.56 40.37 1.40
N TYR B 781 36.31 39.07 1.52
CA TYR B 781 35.55 38.37 0.49
C TYR B 781 34.06 38.67 0.60
N LEU B 782 33.54 38.78 1.82
CA LEU B 782 32.16 39.16 2.05
C LEU B 782 32.10 40.17 3.19
N GLU B 783 31.07 41.00 3.17
CA GLU B 783 30.92 42.07 4.14
C GLU B 783 29.97 41.67 5.26
N ARG B 784 30.22 42.21 6.44
CA ARG B 784 29.36 41.97 7.58
C ARG B 784 28.34 43.11 7.73
N VAL B 785 27.23 42.81 8.38
CA VAL B 785 26.20 43.80 8.65
C VAL B 785 26.50 44.44 9.99
N ASP B 786 26.65 45.77 9.99
CA ASP B 786 26.93 46.50 11.21
C ASP B 786 25.73 46.47 12.15
N GLY B 787 26.01 46.33 13.44
CA GLY B 787 24.95 46.25 14.44
C GLY B 787 24.43 44.84 14.61
N GLU B 788 23.89 44.27 13.54
CA GLU B 788 23.40 42.88 13.54
C GLU B 788 24.48 42.01 12.90
N LYS B 789 25.35 41.47 13.75
CA LYS B 789 26.49 40.69 13.27
C LYS B 789 26.09 39.30 12.79
N ASP B 790 24.85 38.87 13.01
CA ASP B 790 24.43 37.55 12.56
C ASP B 790 24.30 37.50 11.05
N THR B 791 23.45 38.35 10.48
CA THR B 791 23.25 38.37 9.04
C THR B 791 24.50 38.89 8.32
N TYR B 792 24.83 38.25 7.21
CA TYR B 792 25.96 38.62 6.38
C TYR B 792 25.50 38.87 4.95
N SER B 793 26.42 39.37 4.13
CA SER B 793 26.15 39.62 2.73
C SER B 793 27.45 39.58 1.94
N TYR B 794 27.32 39.40 0.64
CA TYR B 794 28.48 39.33 -0.24
C TYR B 794 28.54 40.54 -1.16
N PRO C 5 -25.49 -42.73 -8.58
CA PRO C 5 -26.72 -42.81 -7.79
C PRO C 5 -27.93 -42.30 -8.55
N SER C 6 -29.12 -42.82 -8.23
CA SER C 6 -30.34 -42.42 -8.91
C SER C 6 -31.49 -42.46 -7.91
N ILE C 7 -32.55 -41.73 -8.25
CA ILE C 7 -33.67 -41.51 -7.34
C ILE C 7 -34.96 -42.01 -7.99
N LYS C 8 -35.77 -42.70 -7.19
CA LYS C 8 -37.09 -43.12 -7.63
C LYS C 8 -38.03 -41.92 -7.76
N LEU C 9 -38.89 -41.97 -8.78
CA LEU C 9 -39.92 -40.97 -8.99
C LEU C 9 -41.26 -41.66 -9.17
N GLN C 10 -42.33 -40.92 -8.88
CA GLN C 10 -43.68 -41.47 -8.97
C GLN C 10 -44.65 -40.34 -9.29
N SER C 11 -45.44 -40.52 -10.34
CA SER C 11 -46.39 -39.52 -10.78
C SER C 11 -47.72 -39.71 -10.06
N SER C 12 -48.76 -39.04 -10.56
CA SER C 12 -50.11 -39.21 -10.05
C SER C 12 -50.83 -40.40 -10.66
N ASP C 13 -50.19 -41.14 -11.57
CA ASP C 13 -50.82 -42.28 -12.20
C ASP C 13 -50.48 -43.60 -11.49
N GLY C 14 -49.21 -43.80 -11.14
CA GLY C 14 -48.82 -45.02 -10.46
C GLY C 14 -47.65 -45.74 -11.10
N GLU C 15 -46.89 -45.04 -11.93
CA GLU C 15 -45.73 -45.61 -12.60
C GLU C 15 -44.45 -44.94 -12.09
N ILE C 16 -43.32 -45.58 -12.37
CA ILE C 16 -42.02 -45.16 -11.87
C ILE C 16 -41.18 -44.67 -13.04
N PHE C 17 -40.48 -43.56 -12.83
CA PHE C 17 -39.62 -42.93 -13.83
C PHE C 17 -38.21 -42.76 -13.30
N GLU C 18 -37.62 -43.86 -12.83
CA GLU C 18 -36.28 -43.89 -12.27
C GLU C 18 -35.28 -43.11 -13.12
N VAL C 19 -34.73 -42.04 -12.55
CA VAL C 19 -33.85 -41.13 -13.26
C VAL C 19 -32.67 -40.80 -12.36
N ASP C 20 -31.58 -40.38 -13.00
CA ASP C 20 -30.37 -40.00 -12.27
C ASP C 20 -30.63 -38.77 -11.41
N VAL C 21 -29.94 -38.70 -10.27
CA VAL C 21 -30.15 -37.59 -9.34
C VAL C 21 -29.66 -36.28 -9.92
N GLU C 22 -28.52 -36.31 -10.64
CA GLU C 22 -28.01 -35.09 -11.26
C GLU C 22 -28.89 -34.61 -12.40
N ILE C 23 -29.67 -35.50 -13.01
CA ILE C 23 -30.68 -35.08 -13.96
C ILE C 23 -31.80 -34.33 -13.24
N ALA C 24 -32.17 -34.81 -12.05
CA ALA C 24 -33.24 -34.20 -11.27
C ALA C 24 -32.79 -33.00 -10.45
N LYS C 25 -31.50 -32.68 -10.45
CA LYS C 25 -31.01 -31.52 -9.71
C LYS C 25 -31.49 -30.20 -10.30
N GLN C 26 -32.06 -30.19 -11.49
CA GLN C 26 -32.57 -28.96 -12.07
C GLN C 26 -33.75 -28.41 -11.27
N SER C 27 -34.54 -29.27 -10.64
CA SER C 27 -35.60 -28.84 -9.74
C SER C 27 -34.96 -28.46 -8.42
N VAL C 28 -35.01 -27.17 -8.05
CA VAL C 28 -34.45 -26.80 -6.76
C VAL C 28 -35.33 -27.30 -5.62
N THR C 29 -36.58 -27.66 -5.91
CA THR C 29 -37.36 -28.45 -4.95
C THR C 29 -36.71 -29.81 -4.73
N ILE C 30 -36.45 -30.55 -5.82
CA ILE C 30 -35.80 -31.84 -5.69
C ILE C 30 -34.36 -31.68 -5.22
N LYS C 31 -33.69 -30.61 -5.66
CA LYS C 31 -32.31 -30.36 -5.22
C LYS C 31 -32.26 -30.13 -3.71
N THR C 32 -33.18 -29.32 -3.19
CA THR C 32 -33.26 -29.11 -1.74
C THR C 32 -33.63 -30.42 -1.04
N MET C 33 -34.55 -31.18 -1.62
CA MET C 33 -34.98 -32.44 -1.03
C MET C 33 -33.82 -33.41 -0.89
N LEU C 34 -32.97 -33.50 -1.90
CA LEU C 34 -31.76 -34.31 -1.82
C LEU C 34 -30.69 -33.65 -0.97
N GLU C 35 -30.75 -32.33 -0.78
CA GLU C 35 -29.72 -31.64 -0.03
C GLU C 35 -29.88 -31.83 1.47
N ASP C 36 -31.01 -31.39 2.03
CA ASP C 36 -31.21 -31.47 3.48
C ASP C 36 -32.45 -32.29 3.80
N LEU C 37 -32.26 -33.61 3.83
CA LEU C 37 -33.28 -34.50 4.37
C LEU C 37 -32.67 -35.68 5.12
N GLY C 38 -31.35 -35.74 5.24
CA GLY C 38 -30.70 -36.86 5.89
C GLY C 38 -30.56 -38.06 4.96
N MET C 39 -29.82 -37.88 3.88
CA MET C 39 -29.66 -38.94 2.89
C MET C 39 -28.85 -40.09 3.46
N ASP C 40 -29.34 -41.31 3.24
CA ASP C 40 -28.69 -42.52 3.73
C ASP C 40 -29.24 -43.69 2.93
N ASP C 41 -28.76 -44.90 3.28
CA ASP C 41 -29.21 -46.10 2.59
C ASP C 41 -30.62 -46.52 3.01
N GLU C 42 -31.11 -46.01 4.14
CA GLU C 42 -32.45 -46.34 4.59
C GLU C 42 -33.47 -45.41 3.93
N GLY C 43 -34.55 -46.00 3.41
CA GLY C 43 -35.59 -45.23 2.77
C GLY C 43 -35.14 -44.53 1.50
N ASP C 44 -34.37 -45.22 0.65
CA ASP C 44 -33.88 -44.64 -0.59
C ASP C 44 -34.58 -45.17 -1.83
N ASP C 45 -35.14 -46.38 -1.78
CA ASP C 45 -35.80 -46.97 -2.92
C ASP C 45 -37.30 -46.67 -2.97
N ASP C 46 -37.81 -45.93 -1.99
CA ASP C 46 -39.23 -45.58 -2.00
C ASP C 46 -39.51 -44.52 -3.06
N PRO C 47 -40.49 -44.73 -3.93
CA PRO C 47 -40.83 -43.69 -4.92
C PRO C 47 -41.47 -42.49 -4.23
N VAL C 48 -41.20 -41.32 -4.81
CA VAL C 48 -41.71 -40.05 -4.27
C VAL C 48 -42.97 -39.67 -5.05
N PRO C 49 -44.13 -39.60 -4.41
CA PRO C 49 -45.34 -39.17 -5.13
C PRO C 49 -45.26 -37.69 -5.50
N LEU C 50 -45.82 -37.38 -6.66
CA LEU C 50 -45.90 -36.02 -7.17
C LEU C 50 -47.34 -35.76 -7.61
N PRO C 51 -48.26 -35.58 -6.65
CA PRO C 51 -49.70 -35.55 -6.96
C PRO C 51 -50.18 -34.24 -7.57
N ASN C 52 -49.38 -33.67 -8.47
CA ASN C 52 -49.86 -32.53 -9.25
C ASN C 52 -49.38 -32.58 -10.71
N VAL C 53 -48.71 -33.65 -11.12
CA VAL C 53 -48.16 -33.78 -12.47
C VAL C 53 -48.71 -35.05 -13.11
N ASN C 54 -49.08 -34.96 -14.37
CA ASN C 54 -49.53 -36.14 -15.10
C ASN C 54 -48.33 -37.00 -15.51
N ALA C 55 -48.62 -38.26 -15.81
CA ALA C 55 -47.55 -39.22 -16.08
C ALA C 55 -46.81 -38.90 -17.37
N ALA C 56 -47.56 -38.65 -18.45
CA ALA C 56 -46.92 -38.37 -19.74
C ALA C 56 -46.12 -37.07 -19.69
N ILE C 57 -46.68 -36.04 -19.05
CA ILE C 57 -45.95 -34.78 -18.98
C ILE C 57 -44.79 -34.88 -17.98
N LEU C 58 -44.87 -35.79 -17.00
CA LEU C 58 -43.70 -36.06 -16.18
C LEU C 58 -42.60 -36.73 -17.01
N LYS C 59 -42.97 -37.63 -17.91
CA LYS C 59 -42.00 -38.19 -18.84
C LYS C 59 -41.41 -37.09 -19.71
N LYS C 60 -42.23 -36.13 -20.11
CA LYS C 60 -41.73 -35.01 -20.92
C LYS C 60 -40.72 -34.16 -20.15
N VAL C 61 -41.01 -33.86 -18.88
CA VAL C 61 -40.04 -33.07 -18.12
C VAL C 61 -38.79 -33.89 -17.81
N ILE C 62 -38.93 -35.21 -17.69
CA ILE C 62 -37.75 -36.06 -17.51
C ILE C 62 -36.87 -36.00 -18.75
N GLN C 63 -37.49 -36.08 -19.93
CA GLN C 63 -36.74 -35.98 -21.18
C GLN C 63 -36.08 -34.60 -21.31
N TRP C 64 -36.80 -33.54 -20.94
CA TRP C 64 -36.23 -32.21 -20.97
C TRP C 64 -35.02 -32.09 -20.04
N CYS C 65 -35.14 -32.65 -18.83
CA CYS C 65 -34.05 -32.57 -17.87
C CYS C 65 -32.84 -33.37 -18.34
N THR C 66 -33.08 -34.51 -19.00
CA THR C 66 -31.97 -35.27 -19.56
C THR C 66 -31.28 -34.49 -20.68
N HIS C 67 -32.06 -33.81 -21.52
CA HIS C 67 -31.47 -33.01 -22.58
C HIS C 67 -30.78 -31.76 -22.03
N HIS C 68 -31.26 -31.24 -20.90
CA HIS C 68 -30.71 -30.03 -20.30
C HIS C 68 -29.84 -30.33 -19.09
N LYS C 69 -29.04 -31.38 -19.17
CA LYS C 69 -28.12 -31.76 -18.10
C LYS C 69 -26.77 -31.05 -18.22
N ASP C 70 -26.19 -31.05 -19.42
CA ASP C 70 -24.81 -30.64 -19.59
C ASP C 70 -24.62 -29.13 -19.51
N ASP C 71 -25.67 -28.34 -19.69
CA ASP C 71 -25.53 -26.89 -19.70
C ASP C 71 -25.24 -26.37 -18.30
N PRO C 72 -24.13 -25.66 -18.09
CA PRO C 72 -23.86 -25.11 -16.77
C PRO C 72 -24.82 -23.99 -16.45
N PRO C 73 -25.10 -23.73 -15.17
CA PRO C 73 -25.99 -22.63 -14.80
C PRO C 73 -25.33 -21.28 -15.07
N PRO C 74 -25.97 -20.43 -15.86
CA PRO C 74 -25.49 -19.05 -16.04
C PRO C 74 -26.13 -18.09 -15.05
N PRO C 75 -25.61 -17.99 -13.82
CA PRO C 75 -26.30 -17.17 -12.81
C PRO C 75 -26.15 -15.68 -13.10
N GLU C 76 -27.22 -15.06 -13.58
CA GLU C 76 -27.16 -13.67 -14.01
C GLU C 76 -28.42 -12.95 -13.55
N ASP C 77 -28.30 -11.62 -13.41
CA ASP C 77 -29.41 -10.79 -12.97
C ASP C 77 -30.31 -10.45 -14.15
N ASP C 78 -31.61 -10.69 -13.99
CA ASP C 78 -32.57 -10.48 -15.06
C ASP C 78 -33.00 -9.02 -15.22
N GLU C 79 -32.67 -8.16 -14.26
CA GLU C 79 -33.08 -6.76 -14.36
C GLU C 79 -32.29 -6.01 -15.43
N ASN C 80 -31.03 -6.39 -15.65
CA ASN C 80 -30.22 -5.81 -16.72
C ASN C 80 -30.26 -6.62 -18.00
N LYS C 81 -31.02 -7.71 -18.02
CA LYS C 81 -31.14 -8.57 -19.20
C LYS C 81 -32.31 -8.10 -20.06
N GLU C 82 -32.11 -8.10 -21.37
CA GLU C 82 -33.15 -7.74 -22.31
C GLU C 82 -34.10 -8.92 -22.47
N LYS C 83 -35.33 -8.75 -21.99
CA LYS C 83 -36.33 -9.82 -22.04
C LYS C 83 -36.78 -10.00 -23.48
N ARG C 84 -36.23 -11.00 -24.16
CA ARG C 84 -36.54 -11.29 -25.54
C ARG C 84 -37.04 -12.73 -25.66
N THR C 85 -38.03 -12.93 -26.51
CA THR C 85 -38.65 -14.24 -26.70
C THR C 85 -38.16 -14.97 -27.94
N ASP C 86 -37.19 -14.40 -28.66
CA ASP C 86 -36.65 -15.02 -29.85
C ASP C 86 -35.29 -15.66 -29.62
N ASP C 87 -34.83 -15.73 -28.36
CA ASP C 87 -33.55 -16.32 -28.03
C ASP C 87 -33.67 -17.76 -27.56
N ILE C 88 -34.82 -18.39 -27.80
CA ILE C 88 -35.06 -19.76 -27.34
C ILE C 88 -34.13 -20.71 -28.09
N PRO C 89 -33.51 -21.68 -27.43
CA PRO C 89 -32.78 -22.72 -28.16
C PRO C 89 -33.72 -23.50 -29.07
N VAL C 90 -33.17 -23.94 -30.21
CA VAL C 90 -34.00 -24.57 -31.24
C VAL C 90 -34.53 -25.92 -30.76
N TRP C 91 -33.78 -26.61 -29.87
CA TRP C 91 -34.24 -27.89 -29.35
C TRP C 91 -35.59 -27.74 -28.66
N ASP C 92 -35.76 -26.67 -27.88
CA ASP C 92 -37.06 -26.38 -27.31
C ASP C 92 -38.08 -26.05 -28.39
N GLN C 93 -37.63 -25.51 -29.53
CA GLN C 93 -38.56 -25.18 -30.61
C GLN C 93 -39.18 -26.42 -31.23
N GLU C 94 -38.38 -27.48 -31.47
CA GLU C 94 -39.10 -28.69 -31.87
C GLU C 94 -39.66 -29.48 -30.69
N PHE C 95 -39.23 -29.20 -29.46
CA PHE C 95 -39.79 -29.91 -28.32
C PHE C 95 -41.21 -29.44 -28.01
N LEU C 96 -41.48 -28.14 -28.16
CA LEU C 96 -42.77 -27.58 -27.81
C LEU C 96 -43.72 -27.47 -28.99
N LYS C 97 -43.61 -28.38 -29.95
CA LYS C 97 -44.57 -28.45 -31.06
C LYS C 97 -45.77 -29.32 -30.69
N VAL C 98 -46.42 -28.97 -29.58
CA VAL C 98 -47.51 -29.76 -29.03
C VAL C 98 -48.64 -28.81 -28.65
N ASP C 99 -49.84 -29.37 -28.50
CA ASP C 99 -51.04 -28.56 -28.33
C ASP C 99 -51.03 -27.82 -26.99
N GLN C 100 -51.94 -26.86 -26.87
CA GLN C 100 -51.88 -25.89 -25.77
C GLN C 100 -52.32 -26.50 -24.44
N GLY C 101 -53.17 -27.53 -24.46
CA GLY C 101 -53.63 -28.10 -23.20
C GLY C 101 -52.52 -28.75 -22.40
N THR C 102 -51.79 -29.67 -23.03
CA THR C 102 -50.67 -30.27 -22.33
C THR C 102 -49.51 -29.30 -22.19
N LEU C 103 -49.47 -28.23 -22.97
CA LEU C 103 -48.45 -27.21 -22.74
C LEU C 103 -48.75 -26.43 -21.47
N PHE C 104 -50.02 -26.16 -21.19
CA PHE C 104 -50.37 -25.51 -19.94
C PHE C 104 -50.18 -26.47 -18.76
N GLU C 105 -50.47 -27.76 -18.98
CA GLU C 105 -50.13 -28.76 -17.97
C GLU C 105 -48.62 -28.79 -17.73
N LEU C 106 -47.83 -28.63 -18.79
CA LEU C 106 -46.38 -28.54 -18.68
C LEU C 106 -45.95 -27.32 -17.90
N ILE C 107 -46.61 -26.18 -18.13
CA ILE C 107 -46.29 -24.96 -17.40
C ILE C 107 -46.56 -25.14 -15.92
N LEU C 108 -47.72 -25.73 -15.59
CA LEU C 108 -48.07 -25.95 -14.19
C LEU C 108 -47.12 -26.96 -13.55
N ALA C 109 -46.75 -28.01 -14.26
CA ALA C 109 -45.80 -28.99 -13.73
C ALA C 109 -44.42 -28.39 -13.55
N ALA C 110 -44.01 -27.51 -14.46
CA ALA C 110 -42.73 -26.83 -14.32
C ALA C 110 -42.73 -25.90 -13.12
N ASN C 111 -43.83 -25.17 -12.91
CA ASN C 111 -43.94 -24.31 -11.74
C ASN C 111 -43.92 -25.14 -10.46
N TYR C 112 -44.57 -26.30 -10.48
CA TYR C 112 -44.53 -27.21 -9.34
C TYR C 112 -43.11 -27.70 -9.07
N LEU C 113 -42.37 -28.04 -10.13
CA LEU C 113 -41.01 -28.53 -10.00
C LEU C 113 -39.97 -27.41 -10.11
N ASP C 114 -40.40 -26.15 -10.17
CA ASP C 114 -39.58 -24.94 -10.28
C ASP C 114 -38.37 -25.10 -11.22
N ILE C 115 -38.56 -25.78 -12.34
CA ILE C 115 -37.48 -25.95 -13.31
C ILE C 115 -37.25 -24.59 -13.97
N LYS C 116 -36.15 -23.94 -13.62
CA LYS C 116 -35.91 -22.57 -14.06
C LYS C 116 -35.83 -22.48 -15.59
N GLY C 117 -35.06 -23.37 -16.20
CA GLY C 117 -34.93 -23.35 -17.64
C GLY C 117 -36.23 -23.69 -18.35
N LEU C 118 -36.92 -24.73 -17.87
CA LEU C 118 -38.15 -25.15 -18.53
C LEU C 118 -39.26 -24.12 -18.35
N LEU C 119 -39.38 -23.57 -17.14
CA LEU C 119 -40.38 -22.53 -16.92
C LEU C 119 -40.07 -21.30 -17.76
N ASP C 120 -38.79 -20.93 -17.85
CA ASP C 120 -38.40 -19.78 -18.66
C ASP C 120 -38.73 -19.99 -20.12
N VAL C 121 -38.41 -21.16 -20.67
CA VAL C 121 -38.67 -21.36 -22.09
C VAL C 121 -40.16 -21.51 -22.38
N THR C 122 -40.93 -22.09 -21.45
CA THR C 122 -42.37 -22.16 -21.66
C THR C 122 -43.00 -20.78 -21.61
N CYS C 123 -42.56 -19.93 -20.68
CA CYS C 123 -43.06 -18.56 -20.64
C CYS C 123 -42.67 -17.78 -21.89
N LYS C 124 -41.45 -17.99 -22.39
CA LYS C 124 -41.04 -17.35 -23.63
C LYS C 124 -41.90 -17.81 -24.80
N THR C 125 -42.21 -19.11 -24.86
CA THR C 125 -43.02 -19.61 -25.98
C THR C 125 -44.45 -19.10 -25.92
N VAL C 126 -45.04 -19.03 -24.73
CA VAL C 126 -46.40 -18.48 -24.66
C VAL C 126 -46.38 -16.98 -24.91
N ALA C 127 -45.29 -16.28 -24.55
CA ALA C 127 -45.17 -14.88 -24.89
C ALA C 127 -45.09 -14.70 -26.41
N ASN C 128 -44.37 -15.59 -27.09
CA ASN C 128 -44.36 -15.58 -28.55
C ASN C 128 -45.75 -15.85 -29.10
N MET C 129 -46.48 -16.78 -28.48
CA MET C 129 -47.84 -17.09 -28.91
C MET C 129 -48.85 -16.00 -28.56
N ILE C 130 -48.46 -15.02 -27.76
CA ILE C 130 -49.32 -13.89 -27.43
C ILE C 130 -48.91 -12.63 -28.20
N LYS C 131 -47.61 -12.43 -28.37
CA LYS C 131 -47.10 -11.19 -28.96
C LYS C 131 -47.54 -11.02 -30.42
N GLY C 132 -47.78 -9.76 -30.78
CA GLY C 132 -48.08 -9.39 -32.16
C GLY C 132 -49.38 -9.93 -32.70
N LYS C 133 -50.45 -9.91 -31.89
CA LYS C 133 -51.74 -10.39 -32.32
C LYS C 133 -52.84 -9.46 -31.81
N THR C 134 -53.93 -9.39 -32.56
CA THR C 134 -55.07 -8.61 -32.15
C THR C 134 -55.75 -9.25 -30.94
N PRO C 135 -56.44 -8.46 -30.10
CA PRO C 135 -57.17 -9.06 -28.97
C PRO C 135 -58.17 -10.12 -29.39
N GLU C 136 -58.80 -9.95 -30.56
CA GLU C 136 -59.68 -11.00 -31.09
C GLU C 136 -58.91 -12.28 -31.34
N GLU C 137 -57.63 -12.18 -31.73
CA GLU C 137 -56.86 -13.38 -32.02
C GLU C 137 -56.59 -14.20 -30.76
N ILE C 138 -56.20 -13.53 -29.66
CA ILE C 138 -56.01 -14.25 -28.40
C ILE C 138 -57.36 -14.74 -27.87
N ARG C 139 -58.42 -13.96 -28.06
CA ARG C 139 -59.76 -14.37 -27.64
C ARG C 139 -60.19 -15.65 -28.36
N LYS C 140 -59.88 -15.76 -29.64
CA LYS C 140 -60.18 -16.98 -30.39
C LYS C 140 -59.23 -18.11 -29.99
N THR C 141 -57.97 -17.79 -29.69
CA THR C 141 -56.97 -18.81 -29.41
C THR C 141 -57.26 -19.53 -28.10
N PHE C 142 -57.59 -18.77 -27.06
CA PHE C 142 -57.76 -19.33 -25.72
C PHE C 142 -59.19 -19.27 -25.23
N ASN C 143 -60.14 -18.99 -26.12
CA ASN C 143 -61.61 -19.06 -25.92
C ASN C 143 -62.07 -18.54 -24.56
N ILE C 144 -61.80 -17.25 -24.33
CA ILE C 144 -62.37 -16.53 -23.21
C ILE C 144 -63.41 -15.56 -23.78
N LYS C 145 -64.68 -15.83 -23.52
CA LYS C 145 -65.73 -14.98 -24.05
C LYS C 145 -65.79 -13.66 -23.27
N ASN C 146 -66.07 -12.58 -23.99
CA ASN C 146 -66.15 -11.26 -23.37
C ASN C 146 -67.45 -11.15 -22.58
N ASP C 147 -67.33 -10.97 -21.25
CA ASP C 147 -68.51 -10.82 -20.41
C ASP C 147 -69.10 -9.42 -20.51
N PHE C 148 -68.26 -8.40 -20.72
CA PHE C 148 -68.72 -7.03 -20.81
C PHE C 148 -69.38 -6.78 -22.16
N THR C 149 -70.28 -5.79 -22.19
CA THR C 149 -71.03 -5.48 -23.40
C THR C 149 -70.17 -4.60 -24.31
N GLU C 150 -70.80 -4.06 -25.37
CA GLU C 150 -70.05 -3.40 -26.43
C GLU C 150 -69.48 -2.05 -26.02
N GLU C 151 -70.00 -1.42 -24.97
CA GLU C 151 -69.48 -0.10 -24.59
C GLU C 151 -68.11 -0.22 -23.92
N GLU C 152 -67.90 -1.27 -23.12
CA GLU C 152 -66.56 -1.52 -22.58
C GLU C 152 -65.59 -1.88 -23.70
N GLU C 153 -66.04 -2.67 -24.67
CA GLU C 153 -65.19 -2.99 -25.82
C GLU C 153 -64.86 -1.75 -26.63
N ALA C 154 -65.76 -0.78 -26.67
CA ALA C 154 -65.47 0.46 -27.37
C ALA C 154 -64.46 1.31 -26.59
N GLN C 155 -64.63 1.40 -25.27
CA GLN C 155 -63.77 2.29 -24.49
C GLN C 155 -62.38 1.71 -24.29
N VAL C 156 -62.22 0.37 -24.28
CA VAL C 156 -60.89 -0.19 -24.13
C VAL C 156 -60.01 0.08 -25.34
N ARG C 157 -60.62 0.32 -26.51
CA ARG C 157 -59.84 0.66 -27.70
C ARG C 157 -59.11 1.99 -27.49
N LYS C 158 -59.85 3.02 -27.03
CA LYS C 158 -59.21 4.29 -26.73
C LYS C 158 -58.36 4.22 -25.46
N GLU C 159 -58.62 3.23 -24.60
CA GLU C 159 -57.76 3.02 -23.44
C GLU C 159 -56.38 2.52 -23.87
N ASN C 160 -56.33 1.51 -24.74
CA ASN C 160 -55.05 0.93 -25.12
C ASN C 160 -54.33 1.80 -26.14
N GLN C 161 -55.04 2.29 -27.15
CA GLN C 161 -54.58 3.16 -28.23
C GLN C 161 -53.23 2.75 -28.83
N TRP C 162 -52.93 1.45 -28.80
CA TRP C 162 -51.67 0.88 -29.28
C TRP C 162 -50.45 1.53 -28.63
N ARG D 9 88.82 3.81 2.79
CA ARG D 9 88.08 4.12 1.59
C ARG D 9 86.62 3.71 1.71
N PHE D 10 85.74 4.46 1.06
CA PHE D 10 84.31 4.16 1.02
C PHE D 10 83.84 4.16 -0.43
N GLU D 11 83.13 3.11 -0.83
CA GLU D 11 82.63 2.96 -2.18
C GLU D 11 81.12 2.76 -2.13
N VAL D 12 80.43 3.32 -3.13
CA VAL D 12 78.97 3.32 -3.17
C VAL D 12 78.50 2.25 -4.16
N LYS D 13 77.48 1.48 -3.74
CA LYS D 13 76.92 0.44 -4.58
C LYS D 13 75.40 0.46 -4.66
N LYS D 14 74.70 1.08 -3.71
CA LYS D 14 73.25 1.12 -3.73
C LYS D 14 72.79 2.25 -2.82
N TRP D 15 71.98 3.17 -3.37
CA TRP D 15 71.43 4.26 -2.59
C TRP D 15 70.15 4.74 -3.27
N ASN D 16 69.02 4.45 -2.67
CA ASN D 16 67.74 4.92 -3.20
C ASN D 16 67.42 6.29 -2.64
N ALA D 17 66.75 7.10 -3.46
CA ALA D 17 66.41 8.47 -3.08
C ALA D 17 64.99 8.79 -3.52
N VAL D 18 64.46 9.87 -2.97
CA VAL D 18 63.13 10.35 -3.30
C VAL D 18 63.24 11.78 -3.82
N ALA D 19 62.61 12.04 -4.96
CA ALA D 19 62.61 13.37 -5.57
C ALA D 19 61.18 13.81 -5.78
N LEU D 20 60.92 15.10 -5.58
CA LEU D 20 59.57 15.64 -5.58
C LEU D 20 59.30 16.31 -6.91
N TRP D 21 58.49 15.66 -7.74
CA TRP D 21 58.05 16.23 -9.01
C TRP D 21 57.05 17.35 -8.73
N ALA D 22 57.39 18.56 -9.18
CA ALA D 22 56.54 19.73 -9.00
C ALA D 22 56.30 20.39 -10.34
N TRP D 23 55.03 20.64 -10.67
CA TRP D 23 54.70 21.31 -11.92
C TRP D 23 55.00 22.80 -11.81
N ASP D 24 55.66 23.34 -12.83
CA ASP D 24 56.04 24.74 -12.83
C ASP D 24 55.20 25.55 -13.81
N ALA E 5 -63.12 -19.16 -16.54
CA ALA E 5 -62.93 -20.57 -16.23
C ALA E 5 -62.07 -21.24 -17.31
N SER E 6 -61.22 -20.47 -17.96
CA SER E 6 -60.35 -20.98 -19.01
C SER E 6 -59.09 -21.58 -18.41
N THR E 7 -58.33 -22.29 -19.25
CA THR E 7 -57.09 -22.90 -18.81
C THR E 7 -56.05 -21.85 -18.45
N LEU E 8 -55.93 -20.79 -19.26
CA LEU E 8 -54.98 -19.72 -18.94
C LEU E 8 -55.39 -18.98 -17.69
N THR E 9 -56.70 -18.77 -17.49
CA THR E 9 -57.17 -18.17 -16.25
C THR E 9 -56.89 -19.06 -15.05
N ARG E 10 -57.01 -20.38 -15.23
CA ARG E 10 -56.76 -21.32 -14.15
C ARG E 10 -55.29 -21.48 -13.81
N LEU E 11 -54.39 -20.91 -14.60
CA LEU E 11 -52.97 -20.99 -14.31
C LEU E 11 -52.67 -20.24 -13.01
N PRO E 12 -51.66 -20.67 -12.26
CA PRO E 12 -51.26 -19.94 -11.04
C PRO E 12 -50.85 -18.51 -11.37
N ILE E 13 -51.21 -17.60 -10.47
CA ILE E 13 -51.03 -16.18 -10.76
C ILE E 13 -49.56 -15.78 -10.72
N ASP E 14 -48.71 -16.56 -10.06
CA ASP E 14 -47.29 -16.23 -10.04
C ASP E 14 -46.66 -16.42 -11.41
N VAL E 15 -46.90 -17.57 -12.04
CA VAL E 15 -46.39 -17.78 -13.38
C VAL E 15 -47.18 -16.97 -14.40
N GLN E 16 -48.43 -16.62 -14.08
CA GLN E 16 -49.21 -15.76 -14.97
C GLN E 16 -48.57 -14.39 -15.11
N LEU E 17 -48.12 -13.81 -14.00
CA LEU E 17 -47.39 -12.55 -14.07
C LEU E 17 -46.00 -12.75 -14.64
N TYR E 18 -45.40 -13.91 -14.41
CA TYR E 18 -44.11 -14.21 -15.00
C TYR E 18 -44.20 -14.28 -16.53
N ILE E 19 -45.32 -14.81 -17.04
CA ILE E 19 -45.56 -14.79 -18.48
C ILE E 19 -45.68 -13.36 -18.96
N LEU E 20 -46.47 -12.55 -18.26
CA LEU E 20 -46.68 -11.16 -18.66
C LEU E 20 -45.43 -10.31 -18.50
N SER E 21 -44.46 -10.75 -17.69
CA SER E 21 -43.21 -10.02 -17.56
C SER E 21 -42.40 -10.05 -18.84
N PHE E 22 -42.57 -11.10 -19.65
CA PHE E 22 -41.90 -11.19 -20.93
C PHE E 22 -42.65 -10.49 -22.06
N LEU E 23 -43.88 -10.06 -21.81
CA LEU E 23 -44.66 -9.37 -22.84
C LEU E 23 -44.16 -7.94 -23.01
N SER E 24 -44.11 -7.49 -24.26
CA SER E 24 -43.82 -6.09 -24.52
C SER E 24 -45.00 -5.23 -24.11
N PRO E 25 -44.73 -4.01 -23.62
CA PRO E 25 -45.84 -3.12 -23.24
C PRO E 25 -46.77 -2.77 -24.38
N HIS E 26 -46.25 -2.73 -25.61
CA HIS E 26 -47.11 -2.50 -26.77
C HIS E 26 -48.08 -3.65 -26.97
N ASP E 27 -47.61 -4.89 -26.79
CA ASP E 27 -48.48 -6.06 -26.94
C ASP E 27 -49.30 -6.34 -25.69
N LEU E 28 -48.83 -5.90 -24.52
CA LEU E 28 -49.50 -6.24 -23.27
C LEU E 28 -50.85 -5.55 -23.14
N CYS E 29 -50.97 -4.34 -23.68
CA CYS E 29 -52.23 -3.60 -23.55
C CYS E 29 -53.37 -4.29 -24.29
N GLN E 30 -53.09 -4.85 -25.47
CA GLN E 30 -54.14 -5.53 -26.22
C GLN E 30 -54.60 -6.81 -25.52
N LEU E 31 -53.69 -7.52 -24.85
CA LEU E 31 -54.10 -8.69 -24.08
C LEU E 31 -55.03 -8.29 -22.94
N GLY E 32 -54.72 -7.21 -22.24
CA GLY E 32 -55.62 -6.69 -21.24
C GLY E 32 -56.83 -5.96 -21.79
N SER E 33 -56.86 -5.72 -23.10
CA SER E 33 -57.99 -5.07 -23.75
C SER E 33 -59.11 -6.04 -24.07
N THR E 34 -58.94 -7.32 -23.76
CA THR E 34 -59.96 -8.33 -23.96
C THR E 34 -61.04 -8.32 -22.88
N ASN E 35 -60.95 -7.38 -21.95
CA ASN E 35 -61.90 -7.17 -20.83
C ASN E 35 -61.82 -8.40 -19.91
N HIS E 36 -62.96 -8.83 -19.36
CA HIS E 36 -63.10 -9.88 -18.35
C HIS E 36 -62.01 -9.85 -17.29
N TYR E 37 -61.52 -11.02 -16.89
CA TYR E 37 -60.51 -11.10 -15.84
C TYR E 37 -59.19 -10.47 -16.26
N TRP E 38 -58.89 -10.47 -17.55
CA TRP E 38 -57.60 -10.00 -18.02
C TRP E 38 -57.47 -8.48 -18.05
N ASN E 39 -58.58 -7.74 -17.91
CA ASN E 39 -58.48 -6.30 -17.85
C ASN E 39 -57.99 -5.82 -16.49
N GLU E 40 -58.27 -6.57 -15.43
CA GLU E 40 -57.85 -6.18 -14.08
C GLU E 40 -56.61 -6.91 -13.60
N THR E 41 -56.35 -8.12 -14.09
CA THR E 41 -55.15 -8.84 -13.68
C THR E 41 -53.89 -8.31 -14.33
N VAL E 42 -54.00 -7.45 -15.34
CA VAL E 42 -52.84 -6.79 -15.92
C VAL E 42 -52.56 -5.47 -15.24
N ARG E 43 -53.48 -4.97 -14.42
CA ARG E 43 -53.30 -3.73 -13.68
C ARG E 43 -52.59 -3.95 -12.36
N ASP E 44 -51.45 -4.63 -12.39
CA ASP E 44 -50.68 -4.88 -11.18
C ASP E 44 -49.54 -3.88 -11.09
N PRO E 45 -49.45 -3.12 -10.00
CA PRO E 45 -48.36 -2.13 -9.88
C PRO E 45 -46.97 -2.75 -9.91
N ILE E 46 -46.81 -3.98 -9.41
CA ILE E 46 -45.49 -4.58 -9.30
C ILE E 46 -44.89 -4.82 -10.68
N LEU E 47 -45.69 -5.34 -11.61
CA LEU E 47 -45.17 -5.60 -12.96
C LEU E 47 -44.83 -4.31 -13.69
N TRP E 48 -45.70 -3.30 -13.59
CA TRP E 48 -45.46 -2.07 -14.33
C TRP E 48 -44.35 -1.24 -13.71
N ARG E 49 -44.15 -1.35 -12.39
CA ARG E 49 -43.02 -0.67 -11.77
C ARG E 49 -41.70 -1.22 -12.29
N TYR E 50 -41.63 -2.52 -12.52
CA TYR E 50 -40.46 -3.10 -13.19
C TYR E 50 -40.36 -2.60 -14.62
N PHE E 51 -41.51 -2.44 -15.29
CA PHE E 51 -41.52 -1.89 -16.64
C PHE E 51 -41.00 -0.46 -16.65
N LEU E 52 -41.41 0.36 -15.67
CA LEU E 52 -41.00 1.75 -15.61
C LEU E 52 -39.50 1.88 -15.39
N LEU E 53 -38.94 1.05 -14.51
CA LEU E 53 -37.51 1.14 -14.21
C LEU E 53 -36.66 0.78 -15.42
N ARG E 54 -37.06 -0.25 -16.16
CA ARG E 54 -36.25 -0.72 -17.29
C ARG E 54 -36.46 0.10 -18.56
N ASP E 55 -37.43 1.01 -18.57
CA ASP E 55 -37.72 1.79 -19.77
C ASP E 55 -37.60 3.29 -19.57
N LEU E 56 -37.44 3.77 -18.33
CA LEU E 56 -37.27 5.21 -18.12
C LEU E 56 -36.01 5.78 -18.75
N PRO E 57 -34.81 5.20 -18.59
CA PRO E 57 -33.63 5.79 -19.25
C PRO E 57 -33.65 5.67 -20.76
N SER E 58 -34.47 4.78 -21.32
CA SER E 58 -34.51 4.62 -22.77
C SER E 58 -35.15 5.82 -23.46
N TRP E 59 -36.15 6.43 -22.83
CA TRP E 59 -36.84 7.55 -23.44
C TRP E 59 -35.96 8.80 -23.44
N SER E 60 -36.33 9.77 -24.29
CA SER E 60 -35.49 10.93 -24.49
C SER E 60 -36.27 12.24 -24.58
N SER E 61 -37.50 12.28 -24.08
CA SER E 61 -38.29 13.50 -24.16
C SER E 61 -39.39 13.48 -23.12
N VAL E 62 -39.59 14.61 -22.44
CA VAL E 62 -40.70 14.81 -21.52
C VAL E 62 -41.37 16.14 -21.84
N ASP E 63 -42.69 16.17 -21.73
CA ASP E 63 -43.48 17.36 -22.04
C ASP E 63 -44.08 17.94 -20.76
N TRP E 64 -44.67 19.13 -20.89
CA TRP E 64 -45.31 19.75 -19.74
C TRP E 64 -46.67 19.14 -19.43
N LYS E 65 -47.43 18.77 -20.47
CA LYS E 65 -48.77 18.25 -20.24
C LYS E 65 -48.75 16.81 -19.75
N SER E 66 -47.71 16.06 -20.09
CA SER E 66 -47.58 14.68 -19.62
C SER E 66 -46.25 14.52 -18.89
N LEU E 67 -45.93 15.47 -18.02
CA LEU E 67 -44.72 15.36 -17.22
C LEU E 67 -44.85 14.19 -16.26
N PRO E 68 -43.74 13.55 -15.88
CA PRO E 68 -43.83 12.41 -14.97
C PRO E 68 -44.27 12.84 -13.58
N ASP E 69 -45.58 13.01 -13.42
CA ASP E 69 -46.16 13.54 -12.20
C ASP E 69 -45.79 12.69 -11.00
N LEU E 70 -45.14 13.34 -10.02
CA LEU E 70 -44.65 12.74 -8.78
C LEU E 70 -43.89 11.44 -9.05
N GLU E 71 -43.03 11.47 -10.08
CA GLU E 71 -42.28 10.27 -10.45
C GLU E 71 -41.35 9.84 -9.34
N ILE E 72 -40.80 10.81 -8.58
CA ILE E 72 -39.92 10.48 -7.46
C ILE E 72 -40.67 9.70 -6.40
N LEU E 73 -41.99 9.91 -6.33
CA LEU E 73 -42.83 9.09 -5.46
C LEU E 73 -43.19 7.75 -6.09
N LYS E 74 -42.89 7.55 -7.37
CA LYS E 74 -43.15 6.26 -8.01
C LYS E 74 -41.92 5.40 -8.19
N LYS E 75 -40.95 5.81 -9.01
CA LYS E 75 -39.79 4.95 -9.25
C LYS E 75 -38.69 5.15 -8.20
N PRO E 76 -38.16 6.39 -7.94
CA PRO E 76 -37.11 6.51 -6.91
C PRO E 76 -37.57 6.28 -5.48
N ILE E 77 -38.88 6.12 -5.27
CA ILE E 77 -39.38 5.81 -3.94
C ILE E 77 -38.97 4.41 -3.50
N SER E 78 -38.48 3.58 -4.42
CA SER E 78 -38.03 2.21 -4.16
C SER E 78 -39.22 1.42 -3.61
N GLU E 79 -39.17 0.91 -2.39
CA GLU E 79 -40.30 0.22 -1.80
C GLU E 79 -41.13 1.19 -0.97
N VAL E 80 -42.44 0.98 -1.00
CA VAL E 80 -43.37 1.76 -0.19
C VAL E 80 -44.63 0.92 0.04
N THR E 81 -45.14 0.94 1.27
CA THR E 81 -46.36 0.20 1.56
C THR E 81 -47.58 0.86 0.94
N ASP E 82 -47.47 2.13 0.56
CA ASP E 82 -48.55 2.84 -0.12
C ASP E 82 -48.48 2.55 -1.62
N GLY E 83 -48.75 1.29 -1.95
CA GLY E 83 -48.76 0.84 -3.33
C GLY E 83 -50.16 0.89 -3.93
N ALA E 84 -51.01 1.74 -3.35
CA ALA E 84 -52.41 1.83 -3.77
C ALA E 84 -52.59 2.69 -5.01
N PHE E 85 -51.52 2.97 -5.76
CA PHE E 85 -51.65 3.69 -7.02
C PHE E 85 -52.57 2.97 -7.99
N PHE E 86 -52.26 1.70 -8.27
CA PHE E 86 -52.99 0.82 -9.18
C PHE E 86 -53.09 1.38 -10.59
N ASP E 87 -52.28 2.39 -10.94
CA ASP E 87 -52.34 3.02 -12.25
C ASP E 87 -50.95 3.31 -12.80
N TYR E 88 -49.98 2.43 -12.53
CA TYR E 88 -48.67 2.61 -13.14
C TYR E 88 -48.71 2.46 -14.65
N MET E 89 -49.66 1.68 -15.18
CA MET E 89 -49.87 1.68 -16.63
C MET E 89 -50.36 3.03 -17.11
N ALA E 90 -51.22 3.69 -16.32
CA ALA E 90 -51.62 5.06 -16.65
C ALA E 90 -50.43 6.00 -16.55
N VAL E 91 -49.56 5.78 -15.57
CA VAL E 91 -48.29 6.49 -15.52
C VAL E 91 -47.45 6.16 -16.75
N TYR E 92 -47.39 4.88 -17.10
CA TYR E 92 -46.68 4.47 -18.32
C TYR E 92 -47.36 5.02 -19.56
N ARG E 93 -48.70 5.05 -19.58
CA ARG E 93 -49.42 5.66 -20.69
C ARG E 93 -49.14 7.15 -20.77
N MET E 94 -48.82 7.77 -19.65
CA MET E 94 -48.43 9.18 -19.66
C MET E 94 -46.95 9.33 -20.01
N CYS E 95 -46.12 8.41 -19.55
CA CYS E 95 -44.68 8.48 -19.78
C CYS E 95 -44.23 7.87 -21.11
N CYS E 96 -45.15 7.28 -21.87
CA CYS E 96 -44.78 6.70 -23.15
C CYS E 96 -44.49 7.79 -24.17
N PRO E 97 -43.64 7.52 -25.17
CA PRO E 97 -43.37 8.52 -26.20
C PRO E 97 -44.55 8.73 -27.14
N TYR E 98 -45.57 9.44 -26.67
CA TYR E 98 -46.75 9.73 -27.47
C TYR E 98 -47.32 11.10 -27.12
#